data_5O9U
#
_entry.id   5O9U
#
_cell.length_a   58.236
_cell.length_b   79.779
_cell.length_c   178.751
_cell.angle_alpha   90.00
_cell.angle_beta   90.00
_cell.angle_gamma   90.00
#
_symmetry.space_group_name_H-M   'P 2 21 21'
#
loop_
_entity.id
_entity.type
_entity.pdbx_description
1 polymer 'Glycylpeptide N-tetradecanoyltransferase 1'
2 polymer 'Calcineurin B-like protein 4'
3 non-polymer 'COENZYME A'
4 non-polymer GLYCEROL
5 non-polymer 'MYRISTIC ACID'
6 water water
#
loop_
_entity_poly.entity_id
_entity_poly.type
_entity_poly.pdbx_seq_one_letter_code
_entity_poly.pdbx_strand_id
1 'polypeptide(L)'
;GGSEFSVGQGPAKTMEEASKRSYQFWDTQPVPKLGEVVNTHGPVEPDKDNIRQEPYTLPQGFTWDALDLGDRGVLKELYT
LLNENYVEDDDNMFRFDYSPEFLLWALRPPGWLPQWHCGVRVVSSRKLVGFISAIPANIHIYDTEKKMVEINFLCVHKKL
RSKRVAPVLIREITRRVHLEGIFQAVYTAGVVLPKPVGTCRYWHRSLNPRKLIEVKFSHLSRNMTMQRTMKLYRLPETPK
TAGLRPMETKDIPVVHQLLTRYLKQFHLTPVMSQEEVEHWFYPQENIIDTFVVENANGEVTDFLSFYTLPSTIMNHPTHK
SLKAAYSFYNVHTQTPLLDLMSDALVLAKMKGFDVFNALDLMENKTFLEKLKFGIGDGNLQYYLYNWKCPSMGAEKVGLV
LQ
;
A,B
2 'polypeptide(L)' GCSVSKKK C,D
#
loop_
_chem_comp.id
_chem_comp.type
_chem_comp.name
_chem_comp.formula
COA non-polymer 'COENZYME A' 'C21 H36 N7 O16 P3 S'
GOL non-polymer GLYCEROL 'C3 H8 O3'
MYR non-polymer 'MYRISTIC ACID' 'C14 H28 O2'
#
# COMPACT_ATOMS: atom_id res chain seq x y z
N GLY A 10 -0.07 34.32 13.98
CA GLY A 10 -0.52 33.40 15.00
C GLY A 10 -1.66 32.49 14.56
N PRO A 11 -1.96 31.47 15.36
CA PRO A 11 -3.08 30.58 15.04
C PRO A 11 -4.42 31.15 15.47
N ALA A 12 -5.48 30.60 14.90
CA ALA A 12 -6.85 31.00 15.20
C ALA A 12 -7.63 29.79 15.70
N LYS A 13 -8.22 29.92 16.90
CA LYS A 13 -9.03 28.85 17.48
C LYS A 13 -10.48 28.89 17.02
N THR A 14 -11.00 30.07 16.67
CA THR A 14 -12.39 30.20 16.29
C THR A 14 -12.51 30.63 14.84
N MET A 15 -13.71 30.42 14.28
CA MET A 15 -14.01 30.93 12.96
C MET A 15 -13.96 32.45 12.92
N GLU A 16 -14.28 33.10 14.04
CA GLU A 16 -14.15 34.56 14.12
C GLU A 16 -12.71 34.99 13.86
N GLU A 17 -11.77 34.54 14.70
CA GLU A 17 -10.36 34.87 14.51
C GLU A 17 -9.89 34.49 13.11
N ALA A 18 -10.35 33.34 12.60
CA ALA A 18 -9.85 32.82 11.33
C ALA A 18 -10.27 33.70 10.15
N SER A 19 -11.44 34.33 10.21
CA SER A 19 -11.87 35.22 9.14
C SER A 19 -10.94 36.42 8.99
N LYS A 20 -10.24 36.81 10.07
CA LYS A 20 -9.33 37.95 10.05
C LYS A 20 -7.92 37.59 9.61
N ARG A 21 -7.61 36.31 9.42
CA ARG A 21 -6.26 35.88 9.10
C ARG A 21 -6.03 35.92 7.59
N SER A 22 -4.79 36.20 7.21
CA SER A 22 -4.28 35.82 5.90
C SER A 22 -3.40 34.59 6.09
N TYR A 23 -3.53 33.64 5.18
CA TYR A 23 -2.89 32.34 5.31
C TYR A 23 -1.82 32.25 4.23
N GLN A 24 -0.65 32.83 4.51
CA GLN A 24 0.41 32.91 3.52
C GLN A 24 0.82 31.51 3.03
N PHE A 25 0.86 30.53 3.93
CA PHE A 25 1.22 29.19 3.49
C PHE A 25 0.04 28.48 2.86
N TRP A 26 -1.10 28.41 3.56
CA TRP A 26 -2.21 27.60 3.06
C TRP A 26 -2.82 28.15 1.78
N ASP A 27 -2.70 29.46 1.52
CA ASP A 27 -3.12 29.98 0.22
C ASP A 27 -2.35 29.35 -0.93
N THR A 28 -1.15 28.83 -0.68
CA THR A 28 -0.34 28.23 -1.74
C THR A 28 -0.67 26.76 -1.98
N GLN A 29 -1.50 26.15 -1.13
CA GLN A 29 -1.75 24.72 -1.06
C GLN A 29 -3.06 24.36 -1.73
N PRO A 30 -3.20 23.09 -2.24
CA PRO A 30 -4.45 22.68 -2.91
C PRO A 30 -5.53 22.32 -1.89
N VAL A 31 -6.01 23.34 -1.18
CA VAL A 31 -7.16 23.23 -0.27
C VAL A 31 -8.12 24.38 -0.56
N PRO A 32 -9.41 24.24 -0.30
CA PRO A 32 -10.35 25.33 -0.54
C PRO A 32 -10.09 26.50 0.39
N LYS A 33 -10.52 27.69 -0.04
CA LYS A 33 -10.42 28.88 0.78
C LYS A 33 -11.48 28.88 1.87
N LEU A 34 -11.15 29.51 3.00
CA LEU A 34 -12.06 29.54 4.14
C LEU A 34 -13.40 30.16 3.78
N GLY A 35 -13.38 31.19 2.92
CA GLY A 35 -14.62 31.89 2.60
C GLY A 35 -15.56 31.09 1.70
N GLU A 36 -15.01 30.39 0.72
CA GLU A 36 -15.85 29.72 -0.28
C GLU A 36 -16.66 28.59 0.35
N VAL A 37 -17.85 28.36 -0.19
CA VAL A 37 -18.60 27.14 0.06
C VAL A 37 -18.33 26.19 -1.10
N VAL A 38 -18.21 24.90 -0.81
CA VAL A 38 -17.87 23.89 -1.82
C VAL A 38 -19.13 23.19 -2.26
N ASN A 39 -19.38 23.17 -3.57
CA ASN A 39 -20.57 22.52 -4.12
C ASN A 39 -20.23 21.32 -5.00
N THR A 40 -18.96 20.94 -5.09
CA THR A 40 -18.51 19.85 -5.97
C THR A 40 -17.79 18.77 -5.16
N HIS A 41 -17.39 17.71 -5.86
CA HIS A 41 -16.65 16.60 -5.27
C HIS A 41 -15.48 16.25 -6.18
N GLY A 42 -14.25 16.37 -5.67
CA GLY A 42 -13.10 15.88 -6.39
C GLY A 42 -11.79 16.55 -6.02
N PRO A 43 -10.71 16.15 -6.70
CA PRO A 43 -9.40 16.72 -6.40
C PRO A 43 -9.37 18.22 -6.67
N VAL A 44 -8.61 18.93 -5.84
CA VAL A 44 -8.39 20.35 -6.08
C VAL A 44 -7.53 20.55 -7.31
N GLU A 45 -6.53 19.69 -7.51
CA GLU A 45 -5.64 19.77 -8.66
C GLU A 45 -5.31 18.37 -9.13
N PRO A 46 -4.96 18.21 -10.41
CA PRO A 46 -4.71 16.87 -10.95
C PRO A 46 -3.45 16.27 -10.34
N ASP A 47 -3.37 14.94 -10.40
CA ASP A 47 -2.19 14.25 -9.91
C ASP A 47 -0.95 14.71 -10.68
N LYS A 48 0.18 14.77 -9.98
CA LYS A 48 1.44 15.19 -10.57
C LYS A 48 2.15 13.99 -11.17
N ASP A 49 2.66 14.14 -12.40
CA ASP A 49 3.36 13.03 -13.03
C ASP A 49 4.88 13.19 -12.99
N ASN A 50 5.39 14.27 -12.42
N ASN A 50 5.39 14.31 -12.50
CA ASN A 50 6.81 14.35 -12.09
CA ASN A 50 6.78 14.49 -12.09
C ASN A 50 6.89 15.00 -10.72
C ASN A 50 6.78 14.95 -10.64
N ILE A 51 7.65 14.37 -9.83
CA ILE A 51 7.77 14.78 -8.43
C ILE A 51 9.20 15.25 -8.18
N ARG A 52 9.31 16.36 -7.44
CA ARG A 52 10.58 16.89 -6.98
C ARG A 52 11.42 15.82 -6.29
N GLN A 53 12.63 15.59 -6.80
CA GLN A 53 13.49 14.54 -6.27
C GLN A 53 14.32 14.95 -5.06
N GLU A 54 14.53 16.24 -4.86
CA GLU A 54 15.40 16.70 -3.79
C GLU A 54 14.57 17.14 -2.59
N PRO A 55 15.03 16.81 -1.37
CA PRO A 55 14.37 17.32 -0.17
C PRO A 55 14.34 18.84 -0.18
N TYR A 56 13.27 19.40 0.38
CA TYR A 56 13.21 20.84 0.59
C TYR A 56 14.32 21.31 1.52
N THR A 57 14.80 22.51 1.26
CA THR A 57 15.88 23.10 2.04
C THR A 57 15.38 23.52 3.42
N LEU A 58 16.13 23.16 4.46
CA LEU A 58 15.93 23.62 5.82
C LEU A 58 16.82 24.83 6.10
N PRO A 59 16.53 25.60 7.15
CA PRO A 59 17.44 26.68 7.56
C PRO A 59 18.83 26.14 7.88
N GLN A 60 19.81 27.04 7.83
CA GLN A 60 21.20 26.65 8.04
C GLN A 60 21.38 25.99 9.41
N GLY A 61 22.13 24.89 9.43
CA GLY A 61 22.42 24.21 10.67
C GLY A 61 21.46 23.11 11.05
N PHE A 62 20.51 22.78 10.19
CA PHE A 62 19.51 21.76 10.46
C PHE A 62 19.49 20.79 9.29
N THR A 63 19.17 19.52 9.57
CA THR A 63 19.20 18.48 8.56
C THR A 63 18.01 17.56 8.73
N TRP A 64 17.58 16.97 7.62
CA TRP A 64 16.58 15.90 7.64
C TRP A 64 17.18 14.63 8.21
N ASP A 65 16.32 13.83 8.86
CA ASP A 65 16.72 12.49 9.30
C ASP A 65 15.47 11.66 9.51
N ALA A 66 15.30 10.59 8.73
CA ALA A 66 14.17 9.70 8.94
C ALA A 66 14.40 8.85 10.19
N LEU A 67 13.35 8.69 10.97
CA LEU A 67 13.48 8.11 12.30
C LEU A 67 13.11 6.65 12.27
N ASP A 68 14.09 5.79 12.56
CA ASP A 68 13.83 4.36 12.72
C ASP A 68 13.31 4.15 14.14
N LEU A 69 11.98 4.01 14.27
CA LEU A 69 11.41 3.89 15.61
C LEU A 69 11.66 2.53 16.23
N GLY A 70 12.21 1.58 15.45
CA GLY A 70 12.62 0.31 16.01
C GLY A 70 13.90 0.38 16.82
N ASP A 71 14.65 1.48 16.66
CA ASP A 71 15.78 1.78 17.55
C ASP A 71 15.23 2.44 18.82
N ARG A 72 15.38 1.77 19.97
CA ARG A 72 14.76 2.26 21.20
C ARG A 72 15.24 3.67 21.54
N GLY A 73 16.53 3.96 21.30
CA GLY A 73 17.04 5.28 21.63
C GLY A 73 16.44 6.37 20.76
N VAL A 74 16.25 6.09 19.47
CA VAL A 74 15.61 7.06 18.58
C VAL A 74 14.16 7.25 18.97
N LEU A 75 13.44 6.16 19.23
CA LEU A 75 12.07 6.29 19.71
C LEU A 75 12.01 7.17 20.96
N LYS A 76 12.99 7.01 21.86
CA LYS A 76 12.97 7.82 23.08
C LYS A 76 13.25 9.30 22.77
N GLU A 77 14.06 9.58 21.75
CA GLU A 77 14.25 10.97 21.33
C GLU A 77 12.95 11.58 20.83
N LEU A 78 12.20 10.81 20.05
CA LEU A 78 10.89 11.31 19.59
C LEU A 78 9.96 11.47 20.77
N TYR A 79 9.90 10.47 21.67
CA TYR A 79 9.12 10.63 22.89
C TYR A 79 9.43 11.95 23.58
N THR A 80 10.73 12.28 23.69
CA THR A 80 11.11 13.47 24.44
C THR A 80 10.75 14.75 23.69
N LEU A 81 10.96 14.78 22.38
CA LEU A 81 10.55 15.95 21.60
C LEU A 81 9.05 16.25 21.78
N LEU A 82 8.21 15.23 21.67
CA LEU A 82 6.77 15.46 21.82
C LEU A 82 6.42 15.79 23.26
N ASN A 83 7.04 15.08 24.22
CA ASN A 83 6.72 15.31 25.61
C ASN A 83 7.01 16.74 26.03
N GLU A 84 8.02 17.37 25.42
CA GLU A 84 8.40 18.71 25.80
C GLU A 84 7.85 19.80 24.90
N ASN A 85 7.41 19.48 23.68
CA ASN A 85 7.09 20.51 22.69
C ASN A 85 5.80 20.29 21.90
N TYR A 86 5.01 19.25 22.20
CA TYR A 86 3.83 18.97 21.39
C TYR A 86 2.64 19.78 21.90
N VAL A 87 1.42 19.38 21.53
CA VAL A 87 0.24 20.21 21.67
C VAL A 87 -0.10 20.46 23.13
N GLU A 88 -0.49 21.69 23.43
CA GLU A 88 -0.97 22.09 24.75
C GLU A 88 -2.40 22.59 24.62
N ASP A 89 -3.10 22.63 25.75
CA ASP A 89 -4.42 23.24 25.77
C ASP A 89 -4.29 24.76 25.60
N ASP A 90 -5.43 25.43 25.49
CA ASP A 90 -5.37 26.86 25.17
C ASP A 90 -4.78 27.69 26.32
N ASP A 91 -4.74 27.16 27.53
CA ASP A 91 -4.23 27.91 28.67
C ASP A 91 -2.83 27.46 29.08
N ASN A 92 -2.19 26.59 28.29
CA ASN A 92 -0.84 26.11 28.56
C ASN A 92 -0.75 25.49 29.96
N MET A 93 -1.73 24.65 30.28
CA MET A 93 -1.76 23.91 31.52
C MET A 93 -1.53 22.42 31.36
N PHE A 94 -1.86 21.85 30.21
CA PHE A 94 -1.74 20.42 29.95
C PHE A 94 -1.09 20.23 28.59
N ARG A 95 -0.20 19.24 28.49
CA ARG A 95 0.46 18.90 27.23
C ARG A 95 0.37 17.40 27.01
N PHE A 96 0.10 16.98 25.76
CA PHE A 96 0.04 15.54 25.47
C PHE A 96 1.33 14.86 25.90
N ASP A 97 1.20 13.63 26.42
CA ASP A 97 2.34 12.81 26.83
C ASP A 97 2.21 11.41 26.21
N TYR A 98 2.24 11.35 24.86
CA TYR A 98 2.21 10.04 24.17
C TYR A 98 3.36 9.17 24.62
N SER A 99 3.08 7.92 24.97
CA SER A 99 4.14 7.03 25.43
C SER A 99 4.92 6.48 24.24
N PRO A 100 6.15 5.99 24.47
CA PRO A 100 6.91 5.38 23.36
C PRO A 100 6.17 4.24 22.71
N GLU A 101 5.53 3.38 23.51
CA GLU A 101 4.83 2.23 22.96
C GLU A 101 3.57 2.66 22.20
N PHE A 102 2.89 3.71 22.67
CA PHE A 102 1.79 4.30 21.92
C PHE A 102 2.25 4.83 20.56
N LEU A 103 3.37 5.56 20.56
CA LEU A 103 3.90 6.08 19.29
C LEU A 103 4.17 4.96 18.31
N LEU A 104 4.72 3.82 18.77
CA LEU A 104 4.92 2.68 17.88
C LEU A 104 3.59 2.17 17.32
N TRP A 105 2.57 2.11 18.16
CA TRP A 105 1.23 1.74 17.70
C TRP A 105 0.72 2.71 16.65
N ALA A 106 0.86 4.01 16.92
CA ALA A 106 0.27 5.01 16.02
C ALA A 106 1.05 5.14 14.72
N LEU A 107 2.34 4.82 14.74
CA LEU A 107 3.23 5.15 13.64
C LEU A 107 3.70 3.94 12.83
N ARG A 108 3.42 2.71 13.29
CA ARG A 108 3.74 1.53 12.50
C ARG A 108 2.52 0.64 12.27
N PRO A 109 1.42 1.19 11.73
CA PRO A 109 0.31 0.33 11.31
C PRO A 109 0.69 -0.38 10.03
N PRO A 110 -0.13 -1.31 9.56
CA PRO A 110 0.17 -1.95 8.27
C PRO A 110 0.43 -0.94 7.17
N GLY A 111 1.51 -1.18 6.41
CA GLY A 111 1.88 -0.32 5.31
C GLY A 111 2.75 0.87 5.66
N TRP A 112 3.19 0.97 6.91
CA TRP A 112 3.99 2.12 7.31
C TRP A 112 5.31 2.12 6.56
N LEU A 113 5.82 3.32 6.31
CA LEU A 113 7.07 3.49 5.59
C LEU A 113 8.06 4.29 6.43
N PRO A 114 9.34 3.89 6.43
CA PRO A 114 10.32 4.62 7.24
C PRO A 114 10.50 6.04 6.79
N GLN A 115 10.40 6.31 5.48
CA GLN A 115 10.61 7.67 5.00
C GLN A 115 9.48 8.61 5.41
N TRP A 116 8.35 8.08 5.86
CA TRP A 116 7.23 8.90 6.31
C TRP A 116 7.29 9.24 7.80
N HIS A 117 8.40 8.92 8.47
CA HIS A 117 8.70 9.32 9.85
C HIS A 117 9.81 10.37 9.74
N CYS A 118 9.40 11.61 9.51
CA CYS A 118 10.24 12.66 8.96
C CYS A 118 10.75 13.57 10.09
N GLY A 119 12.02 13.43 10.47
CA GLY A 119 12.60 14.23 11.55
C GLY A 119 13.52 15.33 11.06
N VAL A 120 13.72 16.33 11.93
CA VAL A 120 14.69 17.42 11.74
C VAL A 120 15.66 17.41 12.92
N ARG A 121 16.96 17.40 12.63
CA ARG A 121 17.97 17.45 13.68
C ARG A 121 18.87 18.67 13.54
N VAL A 122 19.37 19.15 14.67
CA VAL A 122 20.45 20.14 14.66
C VAL A 122 21.72 19.47 14.17
N VAL A 123 22.40 20.12 13.21
CA VAL A 123 23.54 19.45 12.58
C VAL A 123 24.64 19.18 13.59
N SER A 124 24.97 20.16 14.43
CA SER A 124 26.11 20.01 15.33
C SER A 124 25.80 19.03 16.47
N SER A 125 24.70 19.26 17.19
CA SER A 125 24.40 18.47 18.37
C SER A 125 23.63 17.19 18.09
N ARG A 126 23.02 17.06 16.91
CA ARG A 126 22.14 15.96 16.53
C ARG A 126 20.81 16.00 17.28
N LYS A 127 20.52 17.08 18.00
CA LYS A 127 19.29 17.16 18.76
C LYS A 127 18.08 17.12 17.83
N LEU A 128 17.09 16.29 18.18
CA LEU A 128 15.85 16.23 17.43
C LEU A 128 14.99 17.45 17.76
N VAL A 129 14.70 18.27 16.75
CA VAL A 129 13.97 19.51 16.96
C VAL A 129 12.71 19.64 16.10
N GLY A 130 12.41 18.66 15.25
CA GLY A 130 11.20 18.71 14.45
C GLY A 130 10.77 17.33 14.02
N PHE A 131 9.48 17.18 13.73
CA PHE A 131 8.93 15.91 13.28
C PHE A 131 7.61 16.13 12.57
N ILE A 132 7.30 15.23 11.64
CA ILE A 132 5.95 15.08 11.09
C ILE A 132 5.87 13.66 10.55
N SER A 133 4.66 13.10 10.49
CA SER A 133 4.53 11.70 10.07
C SER A 133 3.37 11.53 9.12
N ALA A 134 3.45 10.47 8.32
CA ALA A 134 2.33 10.03 7.49
C ALA A 134 2.18 8.53 7.65
N ILE A 135 0.93 8.06 7.71
CA ILE A 135 0.65 6.62 7.62
C ILE A 135 -0.39 6.42 6.52
N PRO A 136 -0.37 5.30 5.81
CA PRO A 136 -1.35 5.11 4.74
C PRO A 136 -2.71 4.72 5.32
N ALA A 137 -3.76 5.17 4.63
CA ALA A 137 -5.11 4.79 5.03
C ALA A 137 -6.02 4.85 3.82
N ASN A 138 -6.92 3.88 3.71
CA ASN A 138 -7.99 3.95 2.72
C ASN A 138 -9.14 4.73 3.34
N ILE A 139 -9.55 5.80 2.68
CA ILE A 139 -10.53 6.72 3.24
C ILE A 139 -11.77 6.77 2.36
N HIS A 140 -12.94 6.66 2.99
CA HIS A 140 -14.21 6.79 2.31
C HIS A 140 -14.76 8.17 2.61
N ILE A 141 -14.96 8.97 1.57
CA ILE A 141 -15.47 10.33 1.71
C ILE A 141 -16.67 10.47 0.78
N TYR A 142 -17.87 10.64 1.36
CA TYR A 142 -19.12 10.58 0.61
C TYR A 142 -19.15 9.32 -0.25
N ASP A 143 -19.16 9.47 -1.58
CA ASP A 143 -19.32 8.34 -2.49
C ASP A 143 -18.00 7.87 -3.08
N THR A 144 -16.87 8.34 -2.57
CA THR A 144 -15.56 7.99 -3.10
C THR A 144 -14.74 7.28 -2.04
N GLU A 145 -14.01 6.26 -2.46
CA GLU A 145 -12.98 5.63 -1.63
C GLU A 145 -11.64 5.88 -2.28
N LYS A 146 -10.69 6.38 -1.49
CA LYS A 146 -9.40 6.81 -2.01
C LYS A 146 -8.31 6.35 -1.06
N LYS A 147 -7.21 5.87 -1.62
CA LYS A 147 -6.01 5.69 -0.81
C LYS A 147 -5.43 7.05 -0.47
N MET A 148 -5.29 7.33 0.82
CA MET A 148 -4.75 8.59 1.31
C MET A 148 -3.63 8.30 2.31
N VAL A 149 -3.10 9.36 2.90
CA VAL A 149 -2.32 9.25 4.13
C VAL A 149 -3.04 10.04 5.21
N GLU A 150 -2.79 9.66 6.46
CA GLU A 150 -3.13 10.45 7.62
C GLU A 150 -1.86 11.11 8.13
N ILE A 151 -1.90 12.43 8.30
CA ILE A 151 -0.75 13.19 8.79
C ILE A 151 -0.93 13.40 10.29
N ASN A 152 0.16 13.27 11.04
CA ASN A 152 0.06 13.36 12.49
C ASN A 152 1.40 13.80 13.07
N PHE A 153 1.36 14.26 14.32
CA PHE A 153 2.55 14.55 15.10
C PHE A 153 3.42 15.65 14.49
N LEU A 154 2.82 16.64 13.84
CA LEU A 154 3.61 17.80 13.42
C LEU A 154 4.05 18.55 14.66
N CYS A 155 5.37 18.69 14.84
CA CYS A 155 5.93 19.25 16.06
C CYS A 155 7.23 19.98 15.74
N VAL A 156 7.32 21.23 16.18
CA VAL A 156 8.54 22.02 16.08
C VAL A 156 8.98 22.38 17.49
N HIS A 157 10.26 22.17 17.78
CA HIS A 157 10.79 22.54 19.09
C HIS A 157 10.50 24.00 19.42
N LYS A 158 10.20 24.26 20.69
CA LYS A 158 9.83 25.61 21.12
C LYS A 158 10.84 26.67 20.69
N LYS A 159 12.13 26.32 20.72
CA LYS A 159 13.17 27.30 20.36
C LYS A 159 13.25 27.54 18.86
N LEU A 160 12.76 26.61 18.05
CA LEU A 160 12.82 26.70 16.60
C LEU A 160 11.55 27.30 16.01
N ARG A 161 10.65 27.79 16.84
CA ARG A 161 9.33 28.19 16.38
C ARG A 161 9.35 29.55 15.69
N SER A 162 8.29 29.79 14.92
CA SER A 162 8.07 31.02 14.17
C SER A 162 9.21 31.32 13.20
N LYS A 163 9.91 30.27 12.75
CA LYS A 163 10.97 30.37 11.75
C LYS A 163 10.58 29.66 10.45
N ARG A 164 9.28 29.43 10.24
CA ARG A 164 8.77 28.82 9.02
C ARG A 164 9.22 27.38 8.86
N VAL A 165 9.47 26.67 9.95
CA VAL A 165 9.88 25.28 9.84
C VAL A 165 8.67 24.37 9.61
N ALA A 166 7.52 24.67 10.21
CA ALA A 166 6.33 23.85 9.95
C ALA A 166 5.98 23.81 8.46
N PRO A 167 5.95 24.93 7.71
CA PRO A 167 5.68 24.81 6.27
C PRO A 167 6.66 23.91 5.55
N VAL A 168 7.93 23.92 5.94
CA VAL A 168 8.91 23.05 5.30
C VAL A 168 8.63 21.60 5.63
N LEU A 169 8.26 21.31 6.89
CA LEU A 169 7.89 19.95 7.26
C LEU A 169 6.69 19.48 6.44
N ILE A 170 5.68 20.34 6.29
CA ILE A 170 4.48 19.97 5.53
C ILE A 170 4.83 19.73 4.05
N ARG A 171 5.64 20.60 3.45
CA ARG A 171 5.98 20.41 2.04
C ARG A 171 6.83 19.15 1.84
N GLU A 172 7.72 18.85 2.78
CA GLU A 172 8.58 17.68 2.63
C GLU A 172 7.79 16.38 2.79
N ILE A 173 6.86 16.31 3.75
CA ILE A 173 6.07 15.08 3.85
C ILE A 173 5.18 14.94 2.62
N THR A 174 4.64 16.06 2.12
CA THR A 174 3.85 16.02 0.90
C THR A 174 4.66 15.43 -0.26
N ARG A 175 5.90 15.89 -0.43
CA ARG A 175 6.77 15.37 -1.48
C ARG A 175 7.01 13.87 -1.32
N ARG A 176 7.30 13.44 -0.09
CA ARG A 176 7.58 12.04 0.16
C ARG A 176 6.34 11.18 -0.04
N VAL A 177 5.15 11.73 0.20
CA VAL A 177 3.92 10.98 -0.07
C VAL A 177 3.63 10.94 -1.56
N HIS A 178 3.84 12.06 -2.26
CA HIS A 178 3.69 12.11 -3.71
C HIS A 178 4.58 11.10 -4.42
N LEU A 179 5.80 10.89 -3.91
CA LEU A 179 6.70 9.93 -4.54
C LEU A 179 6.12 8.52 -4.53
N GLU A 180 5.22 8.22 -3.60
CA GLU A 180 4.59 6.91 -3.52
C GLU A 180 3.25 6.85 -4.24
N GLY A 181 2.91 7.90 -4.98
CA GLY A 181 1.72 7.91 -5.81
C GLY A 181 0.43 8.26 -5.10
N ILE A 182 0.50 8.90 -3.94
CA ILE A 182 -0.69 9.27 -3.18
C ILE A 182 -0.81 10.78 -3.22
N PHE A 183 -2.01 11.29 -3.50
CA PHE A 183 -2.19 12.72 -3.71
C PHE A 183 -3.25 13.36 -2.83
N GLN A 184 -3.82 12.62 -1.88
CA GLN A 184 -4.79 13.15 -0.93
C GLN A 184 -4.37 12.79 0.48
N ALA A 185 -4.76 13.62 1.44
CA ALA A 185 -4.48 13.35 2.85
C ALA A 185 -5.67 13.77 3.71
N VAL A 186 -5.76 13.17 4.88
CA VAL A 186 -6.70 13.59 5.91
C VAL A 186 -5.89 13.93 7.17
N TYR A 187 -6.34 14.95 7.91
CA TYR A 187 -5.66 15.36 9.14
C TYR A 187 -6.63 16.19 9.97
N THR A 188 -6.26 16.38 11.23
CA THR A 188 -7.03 17.20 12.16
C THR A 188 -6.15 18.29 12.75
N ALA A 189 -6.79 19.27 13.39
CA ALA A 189 -6.08 20.32 14.12
C ALA A 189 -7.00 20.94 15.14
N GLY A 190 -6.40 21.39 16.25
CA GLY A 190 -7.10 22.21 17.21
C GLY A 190 -7.38 23.63 16.74
N VAL A 191 -6.78 24.07 15.64
CA VAL A 191 -6.97 25.42 15.14
C VAL A 191 -7.74 25.39 13.83
N VAL A 192 -8.24 26.56 13.41
CA VAL A 192 -8.94 26.69 12.15
C VAL A 192 -7.95 27.03 11.05
N LEU A 193 -7.96 26.24 9.98
CA LEU A 193 -7.16 26.40 8.79
C LEU A 193 -8.09 26.31 7.60
N PRO A 194 -7.67 26.76 6.42
CA PRO A 194 -8.46 26.41 5.24
C PRO A 194 -8.34 24.91 4.93
N LYS A 195 -9.43 24.14 4.85
CA LYS A 195 -10.78 24.54 5.24
C LYS A 195 -11.41 23.30 5.84
N PRO A 196 -12.01 23.42 7.02
CA PRO A 196 -12.52 22.23 7.71
C PRO A 196 -13.62 21.54 6.90
N VAL A 197 -13.53 20.21 6.81
CA VAL A 197 -14.64 19.45 6.27
C VAL A 197 -15.66 19.12 7.36
N GLY A 198 -15.25 19.19 8.62
CA GLY A 198 -16.17 19.03 9.73
C GLY A 198 -15.52 19.57 10.98
N THR A 199 -16.36 20.00 11.94
CA THR A 199 -15.88 20.55 13.20
C THR A 199 -16.46 19.74 14.35
N CYS A 200 -15.59 19.18 15.16
CA CYS A 200 -16.00 18.42 16.32
C CYS A 200 -15.59 19.15 17.59
N ARG A 201 -16.24 18.75 18.69
CA ARG A 201 -15.96 19.29 20.01
C ARG A 201 -15.68 18.15 20.97
N TYR A 202 -14.60 18.27 21.74
CA TYR A 202 -14.35 17.32 22.81
C TYR A 202 -15.30 17.56 23.99
N TRP A 203 -15.68 16.44 24.62
CA TRP A 203 -16.45 16.39 25.87
C TRP A 203 -15.72 15.47 26.84
N HIS A 204 -15.96 15.68 28.14
CA HIS A 204 -15.17 15.06 29.19
C HIS A 204 -16.08 14.50 30.27
N ARG A 205 -15.88 13.22 30.59
CA ARG A 205 -16.65 12.56 31.64
C ARG A 205 -15.72 12.35 32.84
N SER A 206 -15.94 13.13 33.90
CA SER A 206 -15.09 13.05 35.07
C SER A 206 -15.18 11.67 35.70
N LEU A 207 -14.03 11.10 36.01
CA LEU A 207 -13.95 9.86 36.77
C LEU A 207 -13.34 10.04 38.14
N ASN A 208 -12.37 10.95 38.28
CA ASN A 208 -11.75 11.28 39.56
C ASN A 208 -11.88 12.78 39.75
N PRO A 209 -13.09 13.27 40.05
CA PRO A 209 -13.33 14.73 40.03
C PRO A 209 -12.46 15.51 41.00
N ARG A 210 -12.10 14.92 42.13
CA ARG A 210 -11.26 15.62 43.09
C ARG A 210 -9.93 16.03 42.46
N LYS A 211 -9.24 15.09 41.82
CA LYS A 211 -8.00 15.42 41.12
C LYS A 211 -8.25 16.42 40.00
N LEU A 212 -9.31 16.24 39.21
CA LEU A 212 -9.57 17.14 38.09
C LEU A 212 -9.76 18.57 38.56
N ILE A 213 -10.41 18.75 39.71
CA ILE A 213 -10.60 20.10 40.24
C ILE A 213 -9.28 20.64 40.81
N GLU A 214 -8.54 19.80 41.54
CA GLU A 214 -7.27 20.24 42.13
C GLU A 214 -6.30 20.72 41.07
N VAL A 215 -6.22 20.03 39.92
CA VAL A 215 -5.31 20.44 38.87
C VAL A 215 -5.93 21.45 37.93
N LYS A 216 -7.18 21.83 38.15
CA LYS A 216 -7.87 22.84 37.36
C LYS A 216 -8.14 22.38 35.93
N PHE A 217 -8.22 21.07 35.74
CA PHE A 217 -8.82 20.55 34.51
C PHE A 217 -10.31 20.88 34.48
N SER A 218 -10.96 20.86 35.63
CA SER A 218 -12.35 21.28 35.79
C SER A 218 -12.44 22.24 36.98
N HIS A 219 -13.63 22.76 37.22
CA HIS A 219 -13.86 23.59 38.40
C HIS A 219 -15.19 23.21 39.04
N LEU A 220 -15.29 23.42 40.35
CA LEU A 220 -16.57 23.29 41.03
C LEU A 220 -17.51 24.41 40.57
N SER A 221 -18.71 24.01 40.12
CA SER A 221 -19.62 24.92 39.43
C SER A 221 -20.39 25.82 40.42
N ARG A 222 -19.62 26.56 41.23
CA ARG A 222 -20.16 27.61 42.09
C ARG A 222 -21.20 27.20 43.11
N ASN A 223 -22.28 26.57 42.64
CA ASN A 223 -23.39 26.15 43.48
C ASN A 223 -23.38 24.65 43.77
N MET A 224 -22.26 23.98 43.52
CA MET A 224 -22.06 22.58 43.90
C MET A 224 -20.86 22.47 44.82
N THR A 225 -20.95 21.56 45.79
CA THR A 225 -19.83 21.25 46.67
C THR A 225 -19.02 20.09 46.10
N MET A 226 -17.82 19.90 46.68
CA MET A 226 -17.01 18.75 46.32
C MET A 226 -17.73 17.45 46.62
N GLN A 227 -18.43 17.38 47.76
CA GLN A 227 -19.15 16.17 48.12
C GLN A 227 -20.26 15.86 47.12
N ARG A 228 -21.01 16.90 46.70
CA ARG A 228 -22.03 16.72 45.68
C ARG A 228 -21.41 16.28 44.36
N THR A 229 -20.27 16.87 44.00
CA THR A 229 -19.64 16.55 42.72
C THR A 229 -19.14 15.10 42.70
N MET A 230 -18.61 14.62 43.82
CA MET A 230 -18.13 13.25 43.86
C MET A 230 -19.28 12.25 43.77
N LYS A 231 -20.42 12.57 44.41
CA LYS A 231 -21.58 11.70 44.29
C LYS A 231 -22.18 11.77 42.89
N LEU A 232 -22.12 12.95 42.26
CA LEU A 232 -22.67 13.09 40.91
C LEU A 232 -22.02 12.13 39.93
N TYR A 233 -20.70 11.94 40.05
CA TYR A 233 -19.94 11.18 39.07
C TYR A 233 -19.61 9.76 39.52
N ARG A 234 -20.15 9.32 40.66
CA ARG A 234 -19.88 7.96 41.12
C ARG A 234 -20.44 6.94 40.14
N LEU A 235 -19.74 5.83 39.99
CA LEU A 235 -20.06 4.81 39.02
C LEU A 235 -20.21 3.47 39.71
N PRO A 236 -20.93 2.53 39.09
CA PRO A 236 -20.91 1.14 39.56
C PRO A 236 -19.50 0.56 39.57
N GLU A 237 -19.34 -0.51 40.34
CA GLU A 237 -18.05 -1.19 40.46
C GLU A 237 -17.75 -2.09 39.26
N THR A 238 -18.78 -2.72 38.69
CA THR A 238 -18.61 -3.63 37.56
C THR A 238 -19.56 -3.24 36.43
N PRO A 239 -19.20 -3.54 35.19
CA PRO A 239 -20.09 -3.26 34.07
C PRO A 239 -21.33 -4.13 34.13
N LYS A 240 -22.39 -3.69 33.45
CA LYS A 240 -23.64 -4.43 33.51
C LYS A 240 -23.94 -5.29 32.29
N THR A 241 -23.31 -5.04 31.12
CA THR A 241 -23.72 -5.76 29.92
C THR A 241 -23.33 -7.23 30.00
N ALA A 242 -24.29 -8.10 29.71
CA ALA A 242 -24.05 -9.53 29.67
C ALA A 242 -22.99 -9.88 28.63
N GLY A 243 -22.01 -10.68 29.05
CA GLY A 243 -21.05 -11.23 28.11
C GLY A 243 -19.95 -10.28 27.67
N LEU A 244 -19.77 -9.17 28.36
CA LEU A 244 -18.70 -8.23 28.03
C LEU A 244 -17.36 -8.82 28.43
N ARG A 245 -16.38 -8.83 27.51
CA ARG A 245 -15.06 -9.39 27.79
C ARG A 245 -14.05 -8.74 26.86
N PRO A 246 -12.76 -8.81 27.18
CA PRO A 246 -11.75 -8.25 26.27
C PRO A 246 -11.72 -8.97 24.93
N MET A 247 -11.42 -8.21 23.90
CA MET A 247 -11.27 -8.77 22.56
C MET A 247 -10.09 -9.73 22.51
N GLU A 248 -10.27 -10.84 21.82
CA GLU A 248 -9.25 -11.87 21.63
C GLU A 248 -9.00 -12.05 20.13
N THR A 249 -7.96 -12.83 19.83
CA THR A 249 -7.59 -13.07 18.43
C THR A 249 -8.75 -13.65 17.64
N LYS A 250 -9.54 -14.57 18.24
CA LYS A 250 -10.65 -15.18 17.50
C LYS A 250 -11.73 -14.17 17.11
N ASP A 251 -11.73 -12.98 17.71
CA ASP A 251 -12.74 -11.97 17.43
C ASP A 251 -12.39 -11.04 16.28
N ILE A 252 -11.16 -11.11 15.77
CA ILE A 252 -10.73 -10.14 14.75
C ILE A 252 -11.67 -10.13 13.54
N PRO A 253 -12.05 -11.27 12.95
CA PRO A 253 -12.98 -11.20 11.80
C PRO A 253 -14.31 -10.55 12.12
N VAL A 254 -14.93 -10.87 13.26
CA VAL A 254 -16.25 -10.33 13.51
C VAL A 254 -16.17 -8.85 13.87
N VAL A 255 -15.10 -8.41 14.54
CA VAL A 255 -14.92 -6.98 14.81
C VAL A 255 -14.75 -6.24 13.49
N HIS A 256 -13.97 -6.79 12.57
CA HIS A 256 -13.87 -6.21 11.22
C HIS A 256 -15.23 -6.10 10.56
N GLN A 257 -16.02 -7.20 10.58
CA GLN A 257 -17.33 -7.18 9.97
C GLN A 257 -18.24 -6.14 10.61
N LEU A 258 -18.31 -6.13 11.94
CA LEU A 258 -19.18 -5.20 12.64
C LEU A 258 -18.81 -3.76 12.32
N LEU A 259 -17.52 -3.44 12.38
CA LEU A 259 -17.08 -2.08 12.12
C LEU A 259 -17.38 -1.67 10.68
N THR A 260 -17.07 -2.53 9.72
CA THR A 260 -17.31 -2.19 8.32
C THR A 260 -18.77 -1.82 8.10
N ARG A 261 -19.70 -2.65 8.59
CA ARG A 261 -21.12 -2.37 8.36
C ARG A 261 -21.56 -1.15 9.14
N TYR A 262 -21.05 -0.97 10.35
CA TYR A 262 -21.47 0.16 11.16
C TYR A 262 -21.07 1.48 10.53
N LEU A 263 -19.89 1.55 9.91
CA LEU A 263 -19.39 2.82 9.41
C LEU A 263 -20.10 3.31 8.14
N LYS A 264 -20.85 2.46 7.44
CA LYS A 264 -21.48 2.89 6.20
C LYS A 264 -22.37 4.11 6.39
N GLN A 265 -22.92 4.29 7.58
CA GLN A 265 -23.88 5.37 7.78
C GLN A 265 -23.23 6.76 7.87
N PHE A 266 -21.91 6.86 7.97
CA PHE A 266 -21.26 8.16 8.10
C PHE A 266 -20.65 8.55 6.75
N HIS A 267 -20.17 9.79 6.67
CA HIS A 267 -19.69 10.34 5.40
C HIS A 267 -18.18 10.46 5.30
N LEU A 268 -17.46 10.37 6.41
CA LEU A 268 -16.00 10.33 6.40
C LEU A 268 -15.57 9.21 7.33
N THR A 269 -15.01 8.13 6.78
CA THR A 269 -14.72 6.92 7.52
C THR A 269 -13.45 6.28 7.00
N PRO A 270 -12.76 5.50 7.84
CA PRO A 270 -11.71 4.63 7.32
C PRO A 270 -12.32 3.36 6.73
N VAL A 271 -11.56 2.75 5.82
CA VAL A 271 -11.88 1.44 5.27
C VAL A 271 -10.71 0.53 5.64
N MET A 272 -10.91 -0.30 6.65
CA MET A 272 -9.83 -1.10 7.21
C MET A 272 -9.85 -2.52 6.66
N SER A 273 -8.66 -3.01 6.31
CA SER A 273 -8.45 -4.44 6.11
C SER A 273 -8.57 -5.18 7.43
N GLN A 274 -8.67 -6.50 7.35
CA GLN A 274 -8.68 -7.29 8.58
C GLN A 274 -7.36 -7.13 9.34
N GLU A 275 -6.24 -6.96 8.63
CA GLU A 275 -4.97 -6.73 9.33
C GLU A 275 -4.94 -5.37 10.04
N GLU A 276 -5.53 -4.34 9.42
CA GLU A 276 -5.59 -3.04 10.08
C GLU A 276 -6.50 -3.12 11.31
N VAL A 277 -7.57 -3.90 11.22
CA VAL A 277 -8.47 -4.08 12.36
C VAL A 277 -7.72 -4.72 13.52
N GLU A 278 -6.95 -5.79 13.24
CA GLU A 278 -6.11 -6.38 14.28
C GLU A 278 -5.19 -5.32 14.90
N HIS A 279 -4.53 -4.53 14.06
CA HIS A 279 -3.60 -3.53 14.59
C HIS A 279 -4.30 -2.50 15.48
N TRP A 280 -5.41 -1.95 15.00
CA TRP A 280 -6.00 -0.82 15.70
C TRP A 280 -6.82 -1.24 16.91
N PHE A 281 -7.26 -2.49 16.99
CA PHE A 281 -8.18 -2.88 18.07
C PHE A 281 -7.68 -3.97 19.00
N TYR A 282 -6.74 -4.80 18.58
CA TYR A 282 -6.31 -5.88 19.48
C TYR A 282 -5.70 -5.27 20.73
N PRO A 283 -6.16 -5.65 21.93
CA PRO A 283 -5.74 -4.93 23.14
C PRO A 283 -4.23 -4.99 23.37
N GLN A 284 -3.69 -3.84 23.77
CA GLN A 284 -2.33 -3.70 24.28
C GLN A 284 -2.41 -2.85 25.55
N GLU A 285 -1.91 -3.39 26.66
CA GLU A 285 -2.03 -2.69 27.93
C GLU A 285 -1.44 -1.28 27.83
N ASN A 286 -2.16 -0.30 28.36
CA ASN A 286 -1.76 1.10 28.43
C ASN A 286 -1.66 1.77 27.06
N ILE A 287 -2.29 1.17 26.05
CA ILE A 287 -2.34 1.76 24.71
C ILE A 287 -3.77 1.74 24.21
N ILE A 288 -4.34 0.54 24.03
CA ILE A 288 -5.63 0.40 23.38
C ILE A 288 -6.39 -0.74 24.07
N ASP A 289 -7.64 -0.46 24.45
CA ASP A 289 -8.53 -1.45 25.06
C ASP A 289 -9.74 -1.64 24.17
N THR A 290 -10.10 -2.90 23.92
CA THR A 290 -11.30 -3.23 23.16
C THR A 290 -12.02 -4.34 23.90
N PHE A 291 -13.30 -4.14 24.15
CA PHE A 291 -14.13 -5.16 24.79
C PHE A 291 -15.28 -5.50 23.86
N VAL A 292 -15.57 -6.80 23.72
CA VAL A 292 -16.64 -7.27 22.86
C VAL A 292 -17.76 -7.81 23.75
N VAL A 293 -18.96 -7.82 23.19
CA VAL A 293 -20.12 -8.45 23.82
C VAL A 293 -20.36 -9.76 23.10
N GLU A 294 -20.14 -10.89 23.80
CA GLU A 294 -20.42 -12.22 23.26
C GLU A 294 -21.69 -12.73 23.92
N ASN A 295 -22.74 -12.95 23.14
CA ASN A 295 -24.06 -13.21 23.69
C ASN A 295 -24.21 -14.67 24.11
N ALA A 296 -25.44 -15.05 24.49
CA ALA A 296 -25.74 -16.38 24.98
C ALA A 296 -25.62 -17.46 23.91
N ASN A 297 -25.56 -17.07 22.64
CA ASN A 297 -25.34 -17.99 21.53
C ASN A 297 -23.88 -18.04 21.11
N GLY A 298 -23.02 -17.27 21.77
CA GLY A 298 -21.63 -17.22 21.40
C GLY A 298 -21.30 -16.26 20.28
N GLU A 299 -22.24 -15.41 19.89
CA GLU A 299 -22.00 -14.45 18.81
C GLU A 299 -21.57 -13.10 19.39
N VAL A 300 -20.58 -12.49 18.76
CA VAL A 300 -20.14 -11.15 19.12
C VAL A 300 -21.02 -10.16 18.38
N THR A 301 -21.73 -9.32 19.14
CA THR A 301 -22.74 -8.44 18.60
C THR A 301 -22.41 -6.96 18.76
N ASP A 302 -21.44 -6.62 19.60
CA ASP A 302 -21.12 -5.22 19.90
C ASP A 302 -19.67 -5.16 20.32
N PHE A 303 -19.08 -3.96 20.23
CA PHE A 303 -17.80 -3.79 20.89
C PHE A 303 -17.59 -2.32 21.22
N LEU A 304 -16.77 -2.08 22.24
CA LEU A 304 -16.35 -0.74 22.63
C LEU A 304 -14.83 -0.69 22.65
N SER A 305 -14.27 0.51 22.45
CA SER A 305 -12.82 0.63 22.49
C SER A 305 -12.44 2.04 22.91
N PHE A 306 -11.29 2.15 23.57
CA PHE A 306 -10.77 3.46 23.97
C PHE A 306 -9.26 3.35 24.06
N TYR A 307 -8.57 4.45 23.74
CA TYR A 307 -7.11 4.45 23.83
C TYR A 307 -6.62 5.30 24.99
N THR A 308 -5.39 5.01 25.41
CA THR A 308 -4.78 5.57 26.61
C THR A 308 -3.85 6.71 26.18
N LEU A 309 -4.12 7.93 26.61
CA LEU A 309 -3.28 9.07 26.25
C LEU A 309 -3.24 10.06 27.41
N PRO A 310 -2.21 9.99 28.25
CA PRO A 310 -2.12 10.94 29.36
C PRO A 310 -1.64 12.31 28.90
N SER A 311 -1.82 13.29 29.79
CA SER A 311 -1.31 14.64 29.57
C SER A 311 -0.38 14.99 30.73
N THR A 312 0.70 15.69 30.41
CA THR A 312 1.54 16.28 31.44
C THR A 312 0.80 17.47 32.06
N ILE A 313 0.79 17.54 33.39
CA ILE A 313 0.21 18.67 34.11
C ILE A 313 1.37 19.63 34.39
N MET A 314 1.38 20.74 33.67
CA MET A 314 2.57 21.56 33.61
C MET A 314 2.71 22.37 34.89
N ASN A 315 3.93 22.43 35.42
CA ASN A 315 4.29 23.35 36.49
C ASN A 315 3.52 23.07 37.78
N HIS A 316 3.12 21.83 38.03
CA HIS A 316 2.32 21.57 39.22
C HIS A 316 3.12 20.78 40.24
N PRO A 317 3.15 21.23 41.49
CA PRO A 317 4.06 20.58 42.47
C PRO A 317 3.68 19.15 42.81
N THR A 318 2.39 18.81 42.84
CA THR A 318 1.98 17.51 43.34
C THR A 318 1.60 16.55 42.21
N HIS A 319 0.52 16.87 41.51
CA HIS A 319 0.03 16.02 40.43
C HIS A 319 0.81 16.34 39.14
N LYS A 320 1.38 15.31 38.55
CA LYS A 320 2.25 15.47 37.39
C LYS A 320 1.63 15.00 36.09
N SER A 321 0.63 14.13 36.14
N SER A 321 0.65 14.10 36.14
CA SER A 321 0.09 13.51 34.93
CA SER A 321 0.09 13.50 34.93
C SER A 321 -1.40 13.30 35.11
C SER A 321 -1.40 13.30 35.12
N LEU A 322 -2.15 13.57 34.05
CA LEU A 322 -3.58 13.36 33.99
C LEU A 322 -3.84 12.13 33.12
N LYS A 323 -4.38 11.06 33.71
CA LYS A 323 -4.61 9.81 32.98
C LYS A 323 -5.95 9.90 32.25
N ALA A 324 -5.92 9.97 30.93
CA ALA A 324 -7.10 10.17 30.12
C ALA A 324 -7.33 8.97 29.22
N ALA A 325 -8.58 8.53 29.14
CA ALA A 325 -9.02 7.56 28.15
C ALA A 325 -9.80 8.29 27.06
N TYR A 326 -9.58 7.90 25.81
CA TYR A 326 -10.25 8.52 24.67
C TYR A 326 -11.11 7.50 23.95
N SER A 327 -12.41 7.78 23.84
CA SER A 327 -13.31 6.98 23.02
C SER A 327 -12.77 6.80 21.61
N PHE A 328 -12.78 5.56 21.11
CA PHE A 328 -12.19 5.25 19.82
C PHE A 328 -13.34 4.92 18.89
N TYR A 329 -13.63 3.64 18.62
CA TYR A 329 -14.81 3.25 17.84
C TYR A 329 -15.71 2.35 18.69
N ASN A 330 -17.00 2.65 18.69
CA ASN A 330 -17.98 1.88 19.44
C ASN A 330 -19.09 1.45 18.49
N VAL A 331 -19.32 0.15 18.39
CA VAL A 331 -20.25 -0.41 17.41
C VAL A 331 -21.32 -1.16 18.19
N HIS A 332 -22.58 -0.79 17.96
CA HIS A 332 -23.71 -1.44 18.61
C HIS A 332 -24.63 -2.04 17.56
N THR A 333 -25.01 -3.31 17.74
CA THR A 333 -26.11 -3.90 16.98
C THR A 333 -27.17 -4.58 17.84
N GLN A 334 -26.88 -4.92 19.09
CA GLN A 334 -27.88 -5.56 19.95
C GLN A 334 -27.91 -4.90 21.33
N THR A 335 -26.77 -4.35 21.76
CA THR A 335 -26.70 -3.63 23.02
C THR A 335 -26.89 -2.15 22.75
N PRO A 336 -27.71 -1.45 23.53
CA PRO A 336 -27.89 -0.02 23.27
C PRO A 336 -26.59 0.74 23.49
N LEU A 337 -26.36 1.74 22.64
CA LEU A 337 -25.11 2.51 22.71
C LEU A 337 -24.92 3.14 24.08
N LEU A 338 -26.02 3.60 24.70
CA LEU A 338 -25.94 4.17 26.04
C LEU A 338 -25.38 3.17 27.05
N ASP A 339 -25.87 1.93 27.01
CA ASP A 339 -25.36 0.88 27.89
C ASP A 339 -23.90 0.57 27.60
N LEU A 340 -23.53 0.51 26.32
CA LEU A 340 -22.15 0.26 25.93
C LEU A 340 -21.22 1.31 26.52
N MET A 341 -21.60 2.58 26.37
CA MET A 341 -20.72 3.64 26.84
C MET A 341 -20.71 3.71 28.36
N SER A 342 -21.84 3.41 29.00
N SER A 342 -21.84 3.41 29.00
CA SER A 342 -21.83 3.29 30.45
CA SER A 342 -21.85 3.27 30.45
C SER A 342 -20.80 2.26 30.91
C SER A 342 -20.82 2.26 30.92
N ASP A 343 -20.71 1.13 30.21
CA ASP A 343 -19.74 0.11 30.60
C ASP A 343 -18.31 0.56 30.32
N ALA A 344 -18.10 1.30 29.22
CA ALA A 344 -16.78 1.88 28.96
C ALA A 344 -16.34 2.79 30.12
N LEU A 345 -17.26 3.58 30.67
CA LEU A 345 -16.93 4.46 31.77
C LEU A 345 -16.51 3.66 32.99
N VAL A 346 -17.27 2.60 33.32
CA VAL A 346 -16.92 1.75 34.45
C VAL A 346 -15.56 1.09 34.24
N LEU A 347 -15.30 0.57 33.03
CA LEU A 347 -14.01 -0.06 32.77
C LEU A 347 -12.87 0.94 32.91
N ALA A 348 -13.05 2.14 32.37
CA ALA A 348 -12.01 3.15 32.49
C ALA A 348 -11.77 3.53 33.94
N LYS A 349 -12.84 3.67 34.72
CA LYS A 349 -12.67 3.95 36.15
C LYS A 349 -11.88 2.83 36.82
N MET A 350 -12.22 1.57 36.50
CA MET A 350 -11.52 0.42 37.08
C MET A 350 -10.03 0.43 36.74
N LYS A 351 -9.68 0.87 35.53
CA LYS A 351 -8.30 0.90 35.07
C LYS A 351 -7.53 2.11 35.59
N GLY A 352 -8.15 2.97 36.37
CA GLY A 352 -7.42 4.04 37.02
C GLY A 352 -7.41 5.36 36.30
N PHE A 353 -8.22 5.53 35.25
CA PHE A 353 -8.24 6.79 34.52
C PHE A 353 -8.90 7.89 35.35
N ASP A 354 -8.46 9.13 35.13
CA ASP A 354 -9.04 10.30 35.80
C ASP A 354 -10.20 10.89 35.02
N VAL A 355 -10.23 10.73 33.69
CA VAL A 355 -11.25 11.34 32.86
C VAL A 355 -11.42 10.45 31.64
N PHE A 356 -12.64 10.43 31.09
CA PHE A 356 -12.95 9.73 29.86
C PHE A 356 -13.40 10.77 28.85
N ASN A 357 -12.68 10.86 27.73
CA ASN A 357 -12.94 11.88 26.73
C ASN A 357 -13.62 11.27 25.52
N ALA A 358 -14.48 12.06 24.88
CA ALA A 358 -15.14 11.67 23.64
C ALA A 358 -15.49 12.91 22.83
N LEU A 359 -15.44 12.75 21.51
CA LEU A 359 -15.87 13.78 20.57
C LEU A 359 -17.38 13.70 20.35
N ASP A 360 -17.95 14.73 19.75
CA ASP A 360 -19.37 14.73 19.43
C ASP A 360 -19.67 14.15 18.06
N LEU A 361 -18.78 13.31 17.51
CA LEU A 361 -18.99 12.77 16.18
C LEU A 361 -19.75 11.45 16.26
N MET A 362 -19.91 10.79 15.10
CA MET A 362 -20.76 9.62 14.96
C MET A 362 -22.06 9.83 15.73
N GLU A 363 -22.49 8.86 16.53
CA GLU A 363 -23.71 9.00 17.30
C GLU A 363 -23.47 9.44 18.74
N ASN A 364 -22.31 10.04 19.02
CA ASN A 364 -21.94 10.28 20.41
C ASN A 364 -22.89 11.26 21.11
N LYS A 365 -23.45 12.22 20.36
CA LYS A 365 -24.35 13.18 20.99
C LYS A 365 -25.54 12.49 21.63
N THR A 366 -25.92 11.29 21.17
CA THR A 366 -27.03 10.61 21.82
C THR A 366 -26.72 10.20 23.26
N PHE A 367 -25.45 10.16 23.67
CA PHE A 367 -25.17 9.74 25.03
C PHE A 367 -24.42 10.75 25.88
N LEU A 368 -23.86 11.81 25.29
CA LEU A 368 -22.93 12.66 26.02
C LEU A 368 -23.58 13.28 27.26
N GLU A 369 -24.71 13.97 27.08
CA GLU A 369 -25.33 14.61 28.23
C GLU A 369 -25.90 13.59 29.21
N LYS A 370 -26.51 12.51 28.68
CA LYS A 370 -27.13 11.53 29.56
C LYS A 370 -26.12 10.85 30.47
N LEU A 371 -24.87 10.66 30.00
CA LEU A 371 -23.85 10.02 30.82
C LEU A 371 -22.99 11.02 31.56
N LYS A 372 -23.42 12.28 31.61
CA LYS A 372 -22.82 13.31 32.46
C LYS A 372 -21.43 13.75 31.97
N PHE A 373 -21.19 13.67 30.67
CA PHE A 373 -20.08 14.40 30.08
C PHE A 373 -20.34 15.90 30.16
N GLY A 374 -19.28 16.68 30.32
CA GLY A 374 -19.33 18.13 30.21
C GLY A 374 -18.54 18.60 29.00
N ILE A 375 -19.03 19.66 28.35
CA ILE A 375 -18.39 20.13 27.12
C ILE A 375 -17.00 20.65 27.46
N GLY A 376 -16.07 20.48 26.51
CA GLY A 376 -14.73 20.97 26.65
C GLY A 376 -14.52 22.34 25.99
N ASP A 377 -13.31 22.86 26.14
CA ASP A 377 -12.93 24.10 25.49
C ASP A 377 -12.08 23.87 24.25
N GLY A 378 -11.91 22.62 23.84
CA GLY A 378 -11.07 22.32 22.70
C GLY A 378 -11.84 21.74 21.53
N ASN A 379 -11.70 22.37 20.36
CA ASN A 379 -12.27 21.87 19.12
C ASN A 379 -11.29 20.90 18.47
N LEU A 380 -11.83 20.04 17.61
CA LEU A 380 -11.03 19.23 16.72
C LEU A 380 -11.60 19.40 15.32
N GLN A 381 -10.85 20.12 14.49
CA GLN A 381 -11.24 20.35 13.10
C GLN A 381 -10.71 19.20 12.24
N TYR A 382 -11.52 18.77 11.27
CA TYR A 382 -11.14 17.73 10.31
C TYR A 382 -10.90 18.36 8.95
N TYR A 383 -9.85 17.90 8.27
CA TYR A 383 -9.39 18.48 7.01
C TYR A 383 -9.05 17.38 6.01
N LEU A 384 -9.26 17.70 4.74
CA LEU A 384 -8.76 16.91 3.63
C LEU A 384 -7.84 17.79 2.80
N TYR A 385 -6.77 17.20 2.27
CA TYR A 385 -5.82 17.89 1.41
C TYR A 385 -6.06 17.45 -0.02
N ASN A 386 -6.21 18.42 -0.92
CA ASN A 386 -6.43 18.14 -2.35
C ASN A 386 -7.71 17.34 -2.57
N TRP A 387 -8.75 17.67 -1.82
CA TRP A 387 -10.06 17.08 -2.07
C TRP A 387 -11.13 18.10 -1.73
N LYS A 388 -11.96 18.41 -2.74
CA LYS A 388 -13.09 19.32 -2.61
C LYS A 388 -14.36 18.51 -2.35
N CYS A 389 -15.08 18.86 -1.28
CA CYS A 389 -16.38 18.28 -1.02
C CYS A 389 -17.12 19.18 -0.03
N PRO A 390 -18.44 19.04 0.08
CA PRO A 390 -19.19 19.82 1.07
C PRO A 390 -18.80 19.43 2.49
N SER A 391 -18.86 20.40 3.39
CA SER A 391 -18.63 20.07 4.79
C SER A 391 -19.81 19.26 5.33
N MET A 392 -19.62 18.67 6.50
CA MET A 392 -20.65 17.83 7.10
C MET A 392 -20.72 18.14 8.57
N GLY A 393 -21.85 17.81 9.19
CA GLY A 393 -21.98 17.95 10.62
C GLY A 393 -21.20 16.89 11.36
N ALA A 394 -20.94 17.15 12.65
CA ALA A 394 -20.11 16.23 13.42
C ALA A 394 -20.67 14.82 13.42
N GLU A 395 -22.00 14.68 13.46
CA GLU A 395 -22.63 13.36 13.51
C GLU A 395 -22.36 12.52 12.25
N LYS A 396 -21.85 13.13 11.18
CA LYS A 396 -21.49 12.38 9.99
C LYS A 396 -20.00 12.07 9.90
N VAL A 397 -19.19 12.59 10.80
CA VAL A 397 -17.77 12.23 10.85
C VAL A 397 -17.66 10.87 11.53
N GLY A 398 -16.99 9.94 10.87
CA GLY A 398 -16.87 8.58 11.38
C GLY A 398 -15.43 8.12 11.36
N LEU A 399 -14.52 9.03 11.73
CA LEU A 399 -13.08 8.81 11.68
C LEU A 399 -12.48 9.36 12.97
N VAL A 400 -11.69 8.55 13.67
CA VAL A 400 -10.99 8.97 14.88
C VAL A 400 -9.50 8.77 14.67
N LEU A 401 -8.72 9.86 14.74
CA LEU A 401 -7.26 9.81 14.66
C LEU A 401 -6.63 10.07 16.03
N GLN A 402 -5.50 9.39 16.29
CA GLN A 402 -4.84 9.44 17.62
C GLN A 402 -4.14 10.76 17.97
N GLY B 10 -5.65 -32.36 -17.68
CA GLY B 10 -4.47 -31.97 -18.42
C GLY B 10 -4.49 -30.52 -18.91
N PRO B 11 -3.30 -29.92 -19.04
CA PRO B 11 -3.23 -28.48 -19.34
C PRO B 11 -3.42 -28.19 -20.82
N ALA B 12 -4.21 -27.16 -21.11
CA ALA B 12 -4.57 -26.79 -22.47
C ALA B 12 -3.77 -25.57 -22.92
N LYS B 13 -3.14 -25.68 -24.09
CA LYS B 13 -2.40 -24.55 -24.66
C LYS B 13 -3.19 -23.78 -25.70
N THR B 14 -4.30 -24.34 -26.20
CA THR B 14 -5.13 -23.69 -27.21
C THR B 14 -6.57 -23.56 -26.71
N MET B 15 -7.32 -22.70 -27.39
CA MET B 15 -8.73 -22.50 -27.04
C MET B 15 -9.57 -23.72 -27.37
N GLU B 16 -9.28 -24.39 -28.49
CA GLU B 16 -10.00 -25.61 -28.83
C GLU B 16 -9.69 -26.72 -27.81
N GLU B 17 -8.43 -26.86 -27.42
CA GLU B 17 -8.08 -27.74 -26.32
C GLU B 17 -8.85 -27.39 -25.04
N ALA B 18 -8.94 -26.08 -24.73
CA ALA B 18 -9.51 -25.66 -23.46
C ALA B 18 -11.01 -25.83 -23.42
N SER B 19 -11.70 -25.59 -24.55
CA SER B 19 -13.15 -25.78 -24.59
C SER B 19 -13.54 -27.25 -24.40
N LYS B 20 -12.58 -28.17 -24.48
CA LYS B 20 -12.83 -29.58 -24.21
C LYS B 20 -12.45 -29.99 -22.80
N ARG B 21 -12.06 -29.04 -21.95
CA ARG B 21 -11.67 -29.34 -20.58
C ARG B 21 -12.85 -29.14 -19.62
N SER B 22 -12.71 -29.76 -18.46
CA SER B 22 -13.42 -29.35 -17.26
C SER B 22 -12.41 -28.73 -16.32
N TYR B 23 -12.85 -27.71 -15.58
CA TYR B 23 -11.96 -26.96 -14.70
C TYR B 23 -12.50 -27.07 -13.28
N GLN B 24 -12.23 -28.21 -12.64
CA GLN B 24 -12.76 -28.46 -11.30
C GLN B 24 -12.42 -27.33 -10.33
N PHE B 25 -11.18 -26.85 -10.38
CA PHE B 25 -10.77 -25.79 -9.46
C PHE B 25 -11.30 -24.44 -9.95
N TRP B 26 -10.96 -24.05 -11.18
CA TRP B 26 -11.33 -22.72 -11.63
C TRP B 26 -12.83 -22.52 -11.69
N ASP B 27 -13.62 -23.59 -11.84
CA ASP B 27 -15.07 -23.41 -11.76
C ASP B 27 -15.53 -22.95 -10.39
N THR B 28 -14.70 -23.13 -9.34
CA THR B 28 -15.07 -22.68 -7.99
C THR B 28 -14.65 -21.23 -7.72
N GLN B 29 -14.01 -20.57 -8.65
CA GLN B 29 -13.36 -19.30 -8.41
C GLN B 29 -14.12 -18.14 -9.05
N PRO B 30 -13.90 -16.88 -8.55
CA PRO B 30 -14.63 -15.72 -9.12
C PRO B 30 -13.97 -15.24 -10.40
N VAL B 31 -14.07 -16.07 -11.43
CA VAL B 31 -13.60 -15.74 -12.77
C VAL B 31 -14.72 -16.09 -13.76
N PRO B 32 -14.79 -15.43 -14.91
CA PRO B 32 -15.83 -15.76 -15.89
C PRO B 32 -15.60 -17.15 -16.49
N LYS B 33 -16.68 -17.72 -17.04
CA LYS B 33 -16.57 -19.00 -17.71
C LYS B 33 -15.93 -18.85 -19.09
N LEU B 34 -15.18 -19.88 -19.50
CA LEU B 34 -14.48 -19.84 -20.78
C LEU B 34 -15.40 -19.51 -21.94
N GLY B 35 -16.64 -19.95 -21.89
CA GLY B 35 -17.55 -19.68 -22.99
C GLY B 35 -18.06 -18.25 -23.07
N GLU B 36 -18.29 -17.61 -21.91
CA GLU B 36 -19.15 -16.43 -21.89
C GLU B 36 -18.46 -15.21 -22.48
N VAL B 37 -19.23 -14.44 -23.23
CA VAL B 37 -18.81 -13.14 -23.74
C VAL B 37 -19.28 -12.08 -22.75
N VAL B 38 -18.36 -11.24 -22.30
CA VAL B 38 -18.61 -10.34 -21.18
C VAL B 38 -18.83 -8.93 -21.72
N ASN B 39 -19.88 -8.28 -21.24
CA ASN B 39 -20.11 -6.88 -21.57
C ASN B 39 -20.14 -5.95 -20.37
N THR B 40 -20.08 -6.49 -19.15
CA THR B 40 -20.08 -5.67 -17.95
C THR B 40 -18.64 -5.39 -17.50
N HIS B 41 -18.49 -4.60 -16.43
CA HIS B 41 -17.19 -4.22 -15.89
C HIS B 41 -17.30 -4.15 -14.37
N GLY B 42 -16.73 -5.10 -13.67
CA GLY B 42 -16.78 -5.02 -12.22
C GLY B 42 -16.47 -6.33 -11.53
N PRO B 43 -16.52 -6.31 -10.20
CA PRO B 43 -16.16 -7.52 -9.45
C PRO B 43 -17.16 -8.65 -9.67
N VAL B 44 -16.67 -9.88 -9.51
CA VAL B 44 -17.55 -11.04 -9.54
C VAL B 44 -18.24 -11.22 -8.21
N GLU B 45 -17.54 -11.01 -7.11
CA GLU B 45 -18.08 -11.24 -5.78
C GLU B 45 -17.75 -10.06 -4.87
N PRO B 46 -18.47 -9.90 -3.75
CA PRO B 46 -18.21 -8.75 -2.86
C PRO B 46 -16.86 -8.80 -2.17
N ASP B 47 -16.31 -7.62 -1.89
CA ASP B 47 -15.24 -7.51 -0.91
C ASP B 47 -15.67 -8.21 0.38
N LYS B 48 -14.76 -8.98 0.97
CA LYS B 48 -15.12 -9.79 2.14
C LYS B 48 -14.92 -9.00 3.43
N ASP B 49 -15.90 -9.02 4.31
CA ASP B 49 -15.70 -8.35 5.58
C ASP B 49 -15.39 -9.31 6.72
N ASN B 50 -15.33 -10.61 6.46
CA ASN B 50 -14.51 -11.45 7.34
C ASN B 50 -13.78 -12.49 6.52
N ILE B 51 -12.53 -12.71 6.91
CA ILE B 51 -11.58 -13.51 6.16
C ILE B 51 -11.13 -14.66 7.04
N ARG B 52 -11.13 -15.87 6.49
CA ARG B 52 -10.54 -17.06 7.12
C ARG B 52 -9.20 -16.74 7.78
N GLN B 53 -9.12 -16.97 9.09
CA GLN B 53 -7.88 -16.65 9.81
C GLN B 53 -6.85 -17.76 9.74
N GLU B 54 -7.27 -18.99 9.52
CA GLU B 54 -6.41 -20.18 9.53
C GLU B 54 -5.88 -20.46 8.13
N PRO B 55 -4.60 -20.77 8.01
CA PRO B 55 -4.07 -21.24 6.72
C PRO B 55 -4.83 -22.46 6.21
N TYR B 56 -4.92 -22.57 4.89
CA TYR B 56 -5.52 -23.76 4.30
C TYR B 56 -4.69 -25.00 4.60
N THR B 57 -5.37 -26.14 4.64
CA THR B 57 -4.74 -27.42 4.97
C THR B 57 -3.91 -27.93 3.80
N LEU B 58 -2.63 -28.22 4.05
CA LEU B 58 -1.78 -28.91 3.10
C LEU B 58 -1.84 -30.43 3.32
N PRO B 59 -1.44 -31.21 2.32
CA PRO B 59 -1.34 -32.67 2.51
C PRO B 59 -0.44 -32.98 3.70
N GLN B 60 -0.68 -34.14 4.33
CA GLN B 60 0.12 -34.56 5.45
C GLN B 60 1.60 -34.54 5.08
N GLY B 61 2.42 -33.97 5.97
CA GLY B 61 3.85 -33.94 5.75
C GLY B 61 4.38 -32.67 5.14
N PHE B 62 3.52 -31.67 4.90
CA PHE B 62 3.95 -30.39 4.33
C PHE B 62 3.40 -29.24 5.16
N THR B 63 4.10 -28.12 5.13
CA THR B 63 3.74 -27.00 5.99
C THR B 63 4.04 -25.70 5.27
N TRP B 64 3.34 -24.64 5.67
CA TRP B 64 3.57 -23.32 5.08
C TRP B 64 4.83 -22.68 5.66
N ASP B 65 5.48 -21.84 4.84
CA ASP B 65 6.54 -20.99 5.37
C ASP B 65 6.72 -19.75 4.52
N ALA B 66 6.68 -18.58 5.14
CA ALA B 66 6.94 -17.33 4.44
C ALA B 66 8.43 -17.20 4.21
N LEU B 67 8.85 -16.88 3.00
CA LEU B 67 10.27 -16.84 2.68
C LEU B 67 10.78 -15.41 2.81
N ASP B 68 11.69 -15.20 3.76
CA ASP B 68 12.39 -13.93 3.89
C ASP B 68 13.57 -13.96 2.92
N LEU B 69 13.43 -13.26 1.78
CA LEU B 69 14.43 -13.27 0.73
C LEU B 69 15.67 -12.46 1.08
N GLY B 70 15.62 -11.65 2.14
CA GLY B 70 16.81 -10.99 2.66
C GLY B 70 17.78 -11.95 3.31
N ASP B 71 17.32 -13.16 3.62
CA ASP B 71 18.18 -14.24 4.06
C ASP B 71 18.76 -14.90 2.81
N ARG B 72 20.08 -14.77 2.64
CA ARG B 72 20.73 -15.28 1.43
C ARG B 72 20.47 -16.76 1.23
N GLY B 73 20.53 -17.54 2.32
CA GLY B 73 20.28 -18.97 2.20
C GLY B 73 18.87 -19.29 1.76
N VAL B 74 17.89 -18.52 2.24
CA VAL B 74 16.51 -18.75 1.81
C VAL B 74 16.33 -18.36 0.36
N LEU B 75 16.92 -17.23 -0.05
CA LEU B 75 16.87 -16.86 -1.46
C LEU B 75 17.50 -17.93 -2.33
N LYS B 76 18.58 -18.56 -1.86
CA LYS B 76 19.18 -19.64 -2.63
C LYS B 76 18.26 -20.84 -2.75
N GLU B 77 17.54 -21.18 -1.69
CA GLU B 77 16.57 -22.26 -1.76
C GLU B 77 15.51 -21.97 -2.81
N LEU B 78 15.04 -20.73 -2.87
CA LEU B 78 14.01 -20.39 -3.85
C LEU B 78 14.56 -20.47 -5.28
N TYR B 79 15.74 -19.88 -5.50
N TYR B 79 15.75 -19.93 -5.54
CA TYR B 79 16.42 -19.98 -6.79
CA TYR B 79 16.19 -20.02 -6.92
C TYR B 79 16.50 -21.44 -7.23
C TYR B 79 16.60 -21.46 -7.29
N THR B 80 16.93 -22.30 -6.32
CA THR B 80 17.14 -23.71 -6.64
C THR B 80 15.83 -24.41 -6.98
N LEU B 81 14.77 -24.14 -6.21
CA LEU B 81 13.45 -24.71 -6.55
C LEU B 81 13.03 -24.29 -7.96
N LEU B 82 13.10 -22.99 -8.26
CA LEU B 82 12.69 -22.51 -9.58
C LEU B 82 13.60 -23.04 -10.68
N ASN B 83 14.92 -22.99 -10.44
N ASN B 83 14.93 -23.00 -10.46
CA ASN B 83 15.89 -23.44 -11.44
CA ASN B 83 15.83 -23.44 -11.52
C ASN B 83 15.65 -24.88 -11.83
C ASN B 83 15.62 -24.91 -11.86
N GLU B 84 15.13 -25.70 -10.92
CA GLU B 84 14.95 -27.13 -11.17
C GLU B 84 13.52 -27.51 -11.53
N ASN B 85 12.52 -26.68 -11.21
CA ASN B 85 11.13 -27.11 -11.34
C ASN B 85 10.19 -26.09 -11.97
N TYR B 86 10.67 -24.96 -12.47
CA TYR B 86 9.77 -23.90 -12.94
C TYR B 86 9.53 -24.07 -14.44
N VAL B 87 9.07 -23.01 -15.11
CA VAL B 87 8.44 -23.13 -16.42
C VAL B 87 9.44 -23.59 -17.46
N GLU B 88 9.00 -24.51 -18.32
CA GLU B 88 9.77 -24.99 -19.47
C GLU B 88 9.03 -24.69 -20.76
N ASP B 89 9.76 -24.69 -21.86
CA ASP B 89 9.14 -24.53 -23.18
C ASP B 89 8.29 -25.75 -23.53
N ASP B 90 7.63 -25.68 -24.68
CA ASP B 90 6.72 -26.74 -25.11
C ASP B 90 7.41 -28.10 -25.22
N ASP B 91 8.71 -28.12 -25.53
CA ASP B 91 9.42 -29.34 -25.86
C ASP B 91 10.36 -29.80 -24.76
N ASN B 92 10.29 -29.20 -23.58
CA ASN B 92 11.16 -29.55 -22.45
C ASN B 92 12.63 -29.44 -22.84
N MET B 93 12.98 -28.37 -23.55
CA MET B 93 14.36 -28.12 -23.95
C MET B 93 15.01 -26.97 -23.21
N PHE B 94 14.23 -25.98 -22.77
CA PHE B 94 14.74 -24.81 -22.05
C PHE B 94 13.89 -24.53 -20.84
N ARG B 95 14.52 -24.10 -19.76
CA ARG B 95 13.85 -23.75 -18.52
C ARG B 95 14.38 -22.41 -18.03
N PHE B 96 13.49 -21.55 -17.56
CA PHE B 96 13.92 -20.26 -17.01
C PHE B 96 14.99 -20.47 -15.96
N ASP B 97 16.02 -19.63 -16.00
CA ASP B 97 17.09 -19.60 -14.98
C ASP B 97 17.11 -18.21 -14.32
N TYR B 98 16.08 -17.90 -13.53
CA TYR B 98 16.04 -16.62 -12.83
C TYR B 98 17.18 -16.58 -11.80
N SER B 99 17.97 -15.49 -11.81
CA SER B 99 19.06 -15.35 -10.85
C SER B 99 18.55 -14.88 -9.48
N PRO B 100 19.36 -15.02 -8.43
CA PRO B 100 18.95 -14.48 -7.13
C PRO B 100 18.70 -12.99 -7.16
N GLU B 101 19.55 -12.23 -7.86
CA GLU B 101 19.38 -10.79 -7.90
C GLU B 101 18.16 -10.40 -8.74
N PHE B 102 17.87 -11.16 -9.81
CA PHE B 102 16.63 -10.93 -10.52
C PHE B 102 15.43 -11.18 -9.62
N LEU B 103 15.45 -12.26 -8.85
CA LEU B 103 14.31 -12.57 -7.99
C LEU B 103 14.07 -11.46 -6.96
N LEU B 104 15.15 -10.91 -6.38
CA LEU B 104 14.96 -9.77 -5.46
C LEU B 104 14.31 -8.59 -6.17
N TRP B 105 14.68 -8.36 -7.43
CA TRP B 105 14.07 -7.29 -8.21
C TRP B 105 12.61 -7.55 -8.43
N ALA B 106 12.27 -8.80 -8.80
CA ALA B 106 10.89 -9.11 -9.12
C ALA B 106 10.02 -9.22 -7.88
N LEU B 107 10.60 -9.62 -6.75
CA LEU B 107 9.81 -9.97 -5.58
C LEU B 107 9.91 -8.96 -4.44
N ARG B 108 10.82 -7.98 -4.51
CA ARG B 108 10.77 -6.91 -3.52
C ARG B 108 10.60 -5.51 -4.15
N PRO B 109 9.56 -5.28 -4.96
CA PRO B 109 9.25 -3.93 -5.39
C PRO B 109 8.65 -3.14 -4.25
N PRO B 110 8.43 -1.85 -4.40
CA PRO B 110 7.79 -1.07 -3.32
C PRO B 110 6.48 -1.70 -2.87
N GLY B 111 6.33 -1.82 -1.56
CA GLY B 111 5.11 -2.38 -0.99
C GLY B 111 5.13 -3.88 -0.80
N TRP B 112 6.23 -4.55 -1.11
CA TRP B 112 6.30 -6.00 -0.98
C TRP B 112 6.06 -6.40 0.48
N LEU B 113 5.42 -7.56 0.65
CA LEU B 113 5.15 -8.09 1.98
C LEU B 113 5.75 -9.48 2.12
N PRO B 114 6.35 -9.78 3.28
CA PRO B 114 6.97 -11.11 3.47
C PRO B 114 5.97 -12.26 3.46
N GLN B 115 4.77 -12.05 4.00
CA GLN B 115 3.77 -13.12 3.99
C GLN B 115 3.26 -13.43 2.59
N TRP B 116 3.54 -12.57 1.62
CA TRP B 116 3.17 -12.80 0.24
C TRP B 116 4.25 -13.51 -0.56
N HIS B 117 5.32 -13.98 0.10
CA HIS B 117 6.31 -14.89 -0.48
C HIS B 117 6.04 -16.25 0.14
N CYS B 118 5.11 -16.99 -0.44
CA CYS B 118 4.41 -18.05 0.27
C CYS B 118 5.02 -19.39 -0.14
N GLY B 119 5.81 -19.99 0.74
CA GLY B 119 6.47 -21.25 0.45
C GLY B 119 5.80 -22.45 1.09
N VAL B 120 6.10 -23.62 0.54
CA VAL B 120 5.69 -24.90 1.11
C VAL B 120 6.94 -25.71 1.40
N ARG B 121 7.06 -26.21 2.61
CA ARG B 121 8.22 -27.02 2.98
C ARG B 121 7.80 -28.40 3.46
N VAL B 122 8.68 -29.38 3.24
CA VAL B 122 8.53 -30.69 3.86
C VAL B 122 8.70 -30.52 5.37
N VAL B 123 7.81 -31.14 6.14
CA VAL B 123 7.81 -30.91 7.58
C VAL B 123 9.09 -31.45 8.23
N SER B 124 9.47 -32.68 7.88
CA SER B 124 10.59 -33.32 8.59
C SER B 124 11.93 -32.75 8.15
N SER B 125 12.10 -32.47 6.86
CA SER B 125 13.38 -32.04 6.30
C SER B 125 13.48 -30.53 6.09
N ARG B 126 12.35 -29.81 6.12
CA ARG B 126 12.27 -28.38 5.82
C ARG B 126 12.63 -28.06 4.37
N LYS B 127 12.75 -29.06 3.51
CA LYS B 127 13.06 -28.81 2.10
C LYS B 127 11.95 -28.01 1.41
N LEU B 128 12.35 -27.01 0.62
CA LEU B 128 11.41 -26.17 -0.09
C LEU B 128 10.88 -26.92 -1.30
N VAL B 129 9.56 -27.10 -1.37
CA VAL B 129 8.95 -27.88 -2.43
C VAL B 129 7.82 -27.15 -3.16
N GLY B 130 7.47 -25.94 -2.74
CA GLY B 130 6.45 -25.18 -3.44
C GLY B 130 6.54 -23.70 -3.14
N PHE B 131 5.97 -22.91 -4.03
CA PHE B 131 6.03 -21.45 -3.89
C PHE B 131 4.94 -20.79 -4.72
N ILE B 132 4.51 -19.62 -4.26
CA ILE B 132 3.71 -18.68 -5.04
C ILE B 132 3.92 -17.31 -4.42
N SER B 133 3.82 -16.25 -5.23
CA SER B 133 4.06 -14.93 -4.68
C SER B 133 3.03 -13.92 -5.17
N ALA B 134 2.85 -12.89 -4.37
CA ALA B 134 2.06 -11.71 -4.72
C ALA B 134 2.88 -10.47 -4.46
N ILE B 135 2.77 -9.48 -5.36
CA ILE B 135 3.30 -8.14 -5.12
C ILE B 135 2.19 -7.15 -5.42
N PRO B 136 2.14 -6.02 -4.73
CA PRO B 136 1.07 -5.06 -4.95
C PRO B 136 1.27 -4.27 -6.24
N ALA B 137 0.15 -3.91 -6.86
CA ALA B 137 0.22 -3.09 -8.07
C ALA B 137 -1.11 -2.38 -8.25
N ASN B 138 -1.03 -1.09 -8.59
CA ASN B 138 -2.21 -0.38 -9.05
C ASN B 138 -2.39 -0.63 -10.54
N ILE B 139 -3.59 -1.05 -10.93
CA ILE B 139 -3.85 -1.53 -12.28
C ILE B 139 -4.99 -0.71 -12.86
N HIS B 140 -4.78 -0.19 -14.06
CA HIS B 140 -5.84 0.47 -14.81
C HIS B 140 -6.43 -0.54 -15.77
N ILE B 141 -7.71 -0.83 -15.63
CA ILE B 141 -8.38 -1.77 -16.51
C ILE B 141 -9.60 -1.04 -17.07
N TYR B 142 -9.58 -0.76 -18.37
CA TYR B 142 -10.56 0.09 -19.05
C TYR B 142 -10.72 1.40 -18.28
N ASP B 143 -11.90 1.67 -17.72
CA ASP B 143 -12.18 2.95 -17.10
C ASP B 143 -12.03 2.93 -15.57
N THR B 144 -11.39 1.90 -15.02
CA THR B 144 -11.26 1.76 -13.57
C THR B 144 -9.79 1.57 -13.20
N GLU B 145 -9.38 2.24 -12.11
CA GLU B 145 -8.12 1.95 -11.46
C GLU B 145 -8.39 1.18 -10.17
N LYS B 146 -7.70 0.07 -9.97
CA LYS B 146 -7.93 -0.80 -8.84
C LYS B 146 -6.59 -1.15 -8.22
N LYS B 147 -6.51 -1.10 -6.89
CA LYS B 147 -5.36 -1.69 -6.20
C LYS B 147 -5.47 -3.20 -6.29
N MET B 148 -4.45 -3.86 -6.85
CA MET B 148 -4.49 -5.30 -7.06
C MET B 148 -3.17 -5.91 -6.58
N VAL B 149 -3.04 -7.22 -6.74
CA VAL B 149 -1.74 -7.86 -6.67
C VAL B 149 -1.45 -8.54 -8.01
N GLU B 150 -0.16 -8.66 -8.32
CA GLU B 150 0.34 -9.48 -9.41
C GLU B 150 0.84 -10.79 -8.82
N ILE B 151 0.34 -11.91 -9.34
CA ILE B 151 0.74 -13.24 -8.87
C ILE B 151 1.81 -13.78 -9.80
N ASN B 152 2.86 -14.36 -9.22
CA ASN B 152 3.95 -14.87 -10.03
C ASN B 152 4.57 -16.08 -9.33
N PHE B 153 5.37 -16.82 -10.10
CA PHE B 153 6.28 -17.84 -9.59
C PHE B 153 5.56 -18.99 -8.90
N LEU B 154 4.37 -19.35 -9.39
CA LEU B 154 3.69 -20.53 -8.89
C LEU B 154 4.50 -21.75 -9.30
N CYS B 155 4.97 -22.50 -8.33
CA CYS B 155 5.89 -23.59 -8.63
C CYS B 155 5.70 -24.71 -7.63
N VAL B 156 5.54 -25.93 -8.14
CA VAL B 156 5.46 -27.14 -7.32
C VAL B 156 6.56 -28.09 -7.77
N HIS B 157 7.31 -28.62 -6.79
CA HIS B 157 8.39 -29.55 -7.07
C HIS B 157 7.88 -30.71 -7.92
N LYS B 158 8.68 -31.06 -8.94
CA LYS B 158 8.29 -32.11 -9.89
C LYS B 158 7.87 -33.39 -9.19
N LYS B 159 8.42 -33.68 -8.01
CA LYS B 159 8.06 -34.89 -7.29
C LYS B 159 6.74 -34.75 -6.52
N LEU B 160 6.26 -33.53 -6.32
CA LEU B 160 5.02 -33.28 -5.59
C LEU B 160 3.84 -33.01 -6.53
N ARG B 161 4.06 -33.03 -7.84
CA ARG B 161 3.05 -32.57 -8.79
C ARG B 161 1.86 -33.52 -8.84
N SER B 162 0.82 -33.05 -9.55
CA SER B 162 -0.42 -33.80 -9.76
C SER B 162 -1.02 -34.32 -8.44
N LYS B 163 -0.61 -33.73 -7.32
CA LYS B 163 -1.13 -34.05 -6.00
C LYS B 163 -2.02 -32.93 -5.47
N ARG B 164 -2.46 -32.03 -6.36
CA ARG B 164 -3.43 -30.98 -6.04
C ARG B 164 -2.85 -29.92 -5.10
N VAL B 165 -1.53 -29.72 -5.11
CA VAL B 165 -0.95 -28.70 -4.25
C VAL B 165 -1.11 -27.29 -4.86
N ALA B 166 -1.11 -27.17 -6.19
CA ALA B 166 -1.28 -25.84 -6.78
C ALA B 166 -2.59 -25.16 -6.37
N PRO B 167 -3.76 -25.82 -6.38
CA PRO B 167 -4.95 -25.13 -5.90
C PRO B 167 -4.84 -24.66 -4.46
N VAL B 168 -4.16 -25.42 -3.61
CA VAL B 168 -3.99 -24.99 -2.23
C VAL B 168 -3.12 -23.75 -2.18
N LEU B 169 -2.04 -23.73 -2.97
CA LEU B 169 -1.20 -22.55 -3.04
C LEU B 169 -2.00 -21.34 -3.50
N ILE B 170 -2.87 -21.52 -4.49
CA ILE B 170 -3.65 -20.39 -4.99
C ILE B 170 -4.63 -19.91 -3.93
N ARG B 171 -5.32 -20.82 -3.25
CA ARG B 171 -6.28 -20.39 -2.22
C ARG B 171 -5.57 -19.70 -1.06
N GLU B 172 -4.38 -20.17 -0.71
CA GLU B 172 -3.68 -19.58 0.43
C GLU B 172 -3.17 -18.17 0.13
N ILE B 173 -2.60 -17.94 -1.07
CA ILE B 173 -2.16 -16.58 -1.37
C ILE B 173 -3.38 -15.68 -1.52
N THR B 174 -4.50 -16.23 -2.02
CA THR B 174 -5.74 -15.45 -2.08
C THR B 174 -6.13 -14.98 -0.69
N ARG B 175 -6.17 -15.90 0.27
CA ARG B 175 -6.48 -15.58 1.66
C ARG B 175 -5.53 -14.52 2.22
N ARG B 176 -4.22 -14.71 2.00
CA ARG B 176 -3.26 -13.75 2.54
C ARG B 176 -3.38 -12.37 1.90
N VAL B 177 -3.82 -12.31 0.64
CA VAL B 177 -4.04 -11.02 -0.01
C VAL B 177 -5.32 -10.39 0.52
N HIS B 178 -6.37 -11.20 0.68
CA HIS B 178 -7.63 -10.72 1.25
C HIS B 178 -7.44 -10.08 2.62
N LEU B 179 -6.57 -10.67 3.45
CA LEU B 179 -6.32 -10.12 4.77
C LEU B 179 -5.83 -8.68 4.71
N GLU B 180 -5.19 -8.30 3.61
CA GLU B 180 -4.66 -6.95 3.47
C GLU B 180 -5.62 -6.01 2.76
N GLY B 181 -6.86 -6.44 2.55
CA GLY B 181 -7.88 -5.60 1.97
C GLY B 181 -7.87 -5.51 0.47
N ILE B 182 -7.26 -6.47 -0.22
CA ILE B 182 -7.15 -6.45 -1.68
C ILE B 182 -7.94 -7.62 -2.22
N PHE B 183 -8.78 -7.39 -3.24
CA PHE B 183 -9.69 -8.43 -3.71
C PHE B 183 -9.64 -8.69 -5.21
N GLN B 184 -8.65 -8.15 -5.92
CA GLN B 184 -8.46 -8.38 -7.35
C GLN B 184 -6.99 -8.72 -7.58
N ALA B 185 -6.74 -9.49 -8.64
CA ALA B 185 -5.37 -9.85 -8.99
C ALA B 185 -5.24 -9.93 -10.51
N VAL B 186 -4.02 -9.74 -10.99
CA VAL B 186 -3.69 -9.97 -12.40
C VAL B 186 -2.57 -11.00 -12.45
N TYR B 187 -2.63 -11.88 -13.44
CA TYR B 187 -1.61 -12.92 -13.57
C TYR B 187 -1.58 -13.39 -15.02
N THR B 188 -0.49 -14.04 -15.40
CA THR B 188 -0.34 -14.59 -16.74
C THR B 188 -0.08 -16.09 -16.65
N ALA B 189 -0.26 -16.77 -17.78
CA ALA B 189 0.03 -18.19 -17.86
C ALA B 189 0.21 -18.57 -19.32
N GLY B 190 1.08 -19.56 -19.56
CA GLY B 190 1.21 -20.10 -20.89
C GLY B 190 0.10 -21.04 -21.31
N VAL B 191 -0.80 -21.37 -20.38
CA VAL B 191 -1.91 -22.27 -20.66
C VAL B 191 -3.21 -21.49 -20.59
N VAL B 192 -4.26 -22.07 -21.16
CA VAL B 192 -5.58 -21.45 -21.18
C VAL B 192 -6.38 -21.88 -19.96
N LEU B 193 -6.93 -20.91 -19.23
CA LEU B 193 -7.81 -21.11 -18.09
C LEU B 193 -9.02 -20.22 -18.25
N PRO B 194 -10.08 -20.45 -17.48
CA PRO B 194 -11.11 -19.41 -17.43
C PRO B 194 -10.56 -18.17 -16.74
N LYS B 195 -10.56 -16.99 -17.36
CA LYS B 195 -10.83 -16.79 -18.79
C LYS B 195 -9.89 -15.66 -19.22
N PRO B 196 -9.17 -15.84 -20.32
CA PRO B 196 -8.20 -14.81 -20.70
C PRO B 196 -8.87 -13.47 -20.95
N VAL B 197 -8.27 -12.42 -20.40
CA VAL B 197 -8.67 -11.07 -20.77
C VAL B 197 -7.94 -10.63 -22.02
N GLY B 198 -6.80 -11.27 -22.31
CA GLY B 198 -6.05 -10.98 -23.52
C GLY B 198 -5.10 -12.13 -23.79
N THR B 199 -4.80 -12.34 -25.06
CA THR B 199 -3.94 -13.43 -25.50
C THR B 199 -2.81 -12.85 -26.32
N CYS B 200 -1.57 -13.11 -25.90
CA CYS B 200 -0.39 -12.59 -26.57
C CYS B 200 0.48 -13.75 -27.05
N ARG B 201 1.33 -13.45 -28.00
CA ARG B 201 2.27 -14.42 -28.56
C ARG B 201 3.67 -13.88 -28.46
N TYR B 202 4.62 -14.74 -28.07
CA TYR B 202 6.02 -14.33 -28.05
C TYR B 202 6.62 -14.41 -29.45
N TRP B 203 7.49 -13.47 -29.75
CA TRP B 203 8.30 -13.41 -30.95
C TRP B 203 9.77 -13.32 -30.55
N HIS B 204 10.66 -13.76 -31.46
CA HIS B 204 12.08 -13.87 -31.14
C HIS B 204 12.92 -13.26 -32.26
N ARG B 205 13.91 -12.45 -31.88
CA ARG B 205 14.84 -11.83 -32.81
C ARG B 205 16.22 -12.43 -32.54
N SER B 206 16.71 -13.24 -33.47
CA SER B 206 18.01 -13.86 -33.30
C SER B 206 19.11 -12.81 -33.30
N LEU B 207 20.01 -12.90 -32.32
CA LEU B 207 21.19 -12.04 -32.24
C LEU B 207 22.47 -12.80 -32.48
N ASN B 208 22.54 -14.05 -32.03
CA ASN B 208 23.68 -14.93 -32.22
C ASN B 208 23.16 -16.22 -32.86
N PRO B 209 22.82 -16.18 -34.16
CA PRO B 209 22.13 -17.34 -34.79
C PRO B 209 22.91 -18.64 -34.72
N ARG B 210 24.24 -18.55 -34.82
CA ARG B 210 25.10 -19.72 -34.67
C ARG B 210 24.73 -20.52 -33.43
N LYS B 211 24.73 -19.85 -32.28
CA LYS B 211 24.46 -20.55 -31.03
C LYS B 211 23.01 -21.02 -30.94
N LEU B 212 22.09 -20.21 -31.47
CA LEU B 212 20.67 -20.57 -31.40
C LEU B 212 20.39 -21.86 -32.16
N ILE B 213 21.04 -22.03 -33.31
CA ILE B 213 20.84 -23.24 -34.09
C ILE B 213 21.55 -24.42 -33.44
N GLU B 214 22.72 -24.19 -32.86
CA GLU B 214 23.45 -25.27 -32.19
C GLU B 214 22.64 -25.89 -31.06
N VAL B 215 21.99 -25.07 -30.24
CA VAL B 215 21.18 -25.57 -29.13
C VAL B 215 19.74 -25.84 -29.52
N LYS B 216 19.39 -25.66 -30.79
CA LYS B 216 18.06 -25.95 -31.32
C LYS B 216 16.97 -25.07 -30.70
N PHE B 217 17.33 -23.85 -30.28
CA PHE B 217 16.31 -22.83 -30.07
C PHE B 217 15.66 -22.43 -31.38
N SER B 218 16.43 -22.45 -32.47
CA SER B 218 15.91 -22.20 -33.80
C SER B 218 16.51 -23.26 -34.72
N HIS B 219 16.10 -23.22 -35.99
N HIS B 219 16.13 -23.21 -35.99
CA HIS B 219 16.52 -24.18 -37.00
CA HIS B 219 16.60 -24.17 -36.97
C HIS B 219 16.94 -23.44 -38.27
C HIS B 219 16.93 -23.46 -38.26
N LEU B 220 17.90 -24.02 -38.99
CA LEU B 220 18.25 -23.50 -40.31
C LEU B 220 17.08 -23.73 -41.26
N SER B 221 16.73 -22.72 -42.05
CA SER B 221 15.58 -22.82 -42.94
C SER B 221 15.78 -23.84 -44.07
N ARG B 222 16.87 -24.62 -44.07
CA ARG B 222 17.03 -25.77 -44.98
C ARG B 222 17.46 -25.46 -46.41
N ASN B 223 16.71 -24.59 -47.08
CA ASN B 223 17.13 -23.90 -48.30
C ASN B 223 18.07 -22.74 -47.99
N MET B 224 18.70 -22.76 -46.81
CA MET B 224 19.32 -21.58 -46.22
C MET B 224 20.62 -21.99 -45.58
N THR B 225 21.72 -21.36 -45.96
CA THR B 225 22.98 -21.73 -45.34
C THR B 225 23.17 -20.95 -44.04
N MET B 226 24.08 -21.46 -43.20
CA MET B 226 24.46 -20.72 -42.01
C MET B 226 25.00 -19.35 -42.37
N GLN B 227 25.73 -19.25 -43.49
CA GLN B 227 26.34 -17.99 -43.89
C GLN B 227 25.28 -16.96 -44.29
N ARG B 228 24.24 -17.40 -44.98
CA ARG B 228 23.14 -16.49 -45.32
C ARG B 228 22.38 -16.06 -44.08
N THR B 229 22.28 -16.96 -43.10
CA THR B 229 21.55 -16.68 -41.86
C THR B 229 22.27 -15.62 -41.03
N MET B 230 23.59 -15.77 -40.86
CA MET B 230 24.36 -14.79 -40.10
C MET B 230 24.32 -13.43 -40.77
N LYS B 231 24.41 -13.39 -42.11
CA LYS B 231 24.28 -12.11 -42.79
C LYS B 231 22.89 -11.53 -42.60
N LEU B 232 21.86 -12.39 -42.63
CA LEU B 232 20.49 -11.91 -42.47
C LEU B 232 20.33 -11.15 -41.15
N TYR B 233 20.85 -11.70 -40.06
CA TYR B 233 20.61 -11.17 -38.73
C TYR B 233 21.69 -10.21 -38.25
N ARG B 234 22.68 -9.89 -39.11
CA ARG B 234 23.75 -8.98 -38.72
C ARG B 234 23.19 -7.60 -38.37
N LEU B 235 23.76 -7.01 -37.32
CA LEU B 235 23.35 -5.70 -36.81
C LEU B 235 24.53 -4.74 -36.82
N PRO B 236 24.27 -3.43 -36.90
CA PRO B 236 25.35 -2.45 -36.72
C PRO B 236 26.02 -2.61 -35.37
N GLU B 237 27.27 -2.11 -35.30
CA GLU B 237 28.01 -2.09 -34.03
C GLU B 237 27.49 -1.05 -33.07
N THR B 238 26.84 0.01 -33.56
CA THR B 238 26.51 1.19 -32.78
C THR B 238 25.06 1.59 -33.01
N PRO B 239 24.34 2.00 -31.95
CA PRO B 239 22.97 2.48 -32.15
C PRO B 239 22.95 3.74 -33.00
N LYS B 240 21.85 3.93 -33.72
CA LYS B 240 21.75 5.07 -34.63
C LYS B 240 21.11 6.31 -34.01
N THR B 241 20.32 6.16 -32.93
CA THR B 241 19.53 7.28 -32.44
C THR B 241 20.40 8.28 -31.70
N ALA B 242 20.24 9.54 -32.07
CA ALA B 242 20.99 10.63 -31.46
C ALA B 242 20.60 10.79 -30.01
N GLY B 243 21.61 10.88 -29.15
CA GLY B 243 21.38 11.22 -27.76
C GLY B 243 21.00 10.04 -26.88
N LEU B 244 21.11 8.82 -27.38
CA LEU B 244 20.81 7.63 -26.56
C LEU B 244 21.87 7.42 -25.50
N ARG B 245 21.43 7.12 -24.27
CA ARG B 245 22.36 6.91 -23.17
C ARG B 245 21.62 6.13 -22.07
N PRO B 246 22.35 5.49 -21.15
CA PRO B 246 21.67 4.79 -20.05
C PRO B 246 20.86 5.77 -19.20
N MET B 247 19.71 5.29 -18.72
CA MET B 247 18.96 6.04 -17.73
C MET B 247 19.80 6.29 -16.48
N GLU B 248 19.66 7.49 -15.91
CA GLU B 248 20.32 7.88 -14.66
C GLU B 248 19.28 8.35 -13.66
N THR B 249 19.72 8.59 -12.43
CA THR B 249 18.81 9.01 -11.38
C THR B 249 18.03 10.26 -11.77
N LYS B 250 18.69 11.22 -12.44
CA LYS B 250 18.03 12.46 -12.80
C LYS B 250 16.89 12.26 -13.80
N ASP B 251 16.82 11.10 -14.44
CA ASP B 251 15.81 10.79 -15.44
C ASP B 251 14.55 10.15 -14.86
N ILE B 252 14.56 9.79 -13.58
CA ILE B 252 13.40 9.11 -12.99
C ILE B 252 12.11 9.91 -13.17
N PRO B 253 12.04 11.20 -12.85
CA PRO B 253 10.77 11.91 -13.05
C PRO B 253 10.29 11.91 -14.48
N VAL B 254 11.18 12.18 -15.45
CA VAL B 254 10.70 12.28 -16.82
C VAL B 254 10.37 10.91 -17.39
N VAL B 255 11.08 9.85 -16.97
CA VAL B 255 10.69 8.50 -17.37
C VAL B 255 9.30 8.18 -16.84
N HIS B 256 9.04 8.54 -15.58
CA HIS B 256 7.71 8.37 -15.00
C HIS B 256 6.66 9.13 -15.82
N GLN B 257 6.95 10.38 -16.15
CA GLN B 257 5.97 11.19 -16.90
C GLN B 257 5.74 10.63 -18.31
N LEU B 258 6.81 10.20 -18.98
CA LEU B 258 6.67 9.64 -20.33
C LEU B 258 5.84 8.36 -20.32
N LEU B 259 6.13 7.48 -19.36
CA LEU B 259 5.42 6.21 -19.29
C LEU B 259 3.93 6.42 -18.99
N THR B 260 3.61 7.26 -18.01
CA THR B 260 2.22 7.47 -17.64
C THR B 260 1.39 7.95 -18.83
N ARG B 261 1.91 8.93 -19.58
CA ARG B 261 1.16 9.46 -20.71
C ARG B 261 1.04 8.43 -21.83
N TYR B 262 2.12 7.66 -22.06
CA TYR B 262 2.12 6.67 -23.13
C TYR B 262 1.15 5.54 -22.85
N LEU B 263 1.03 5.12 -21.59
CA LEU B 263 0.17 3.97 -21.28
C LEU B 263 -1.31 4.29 -21.39
N LYS B 264 -1.69 5.57 -21.48
CA LYS B 264 -3.11 5.90 -21.50
C LYS B 264 -3.84 5.29 -22.69
N GLN B 265 -3.14 5.00 -23.79
CA GLN B 265 -3.80 4.47 -24.98
C GLN B 265 -4.19 3.01 -24.87
N PHE B 266 -3.73 2.28 -23.86
CA PHE B 266 -4.04 0.86 -23.75
C PHE B 266 -5.11 0.63 -22.68
N HIS B 267 -5.66 -0.59 -22.67
CA HIS B 267 -6.78 -0.87 -21.79
C HIS B 267 -6.43 -1.66 -20.54
N LEU B 268 -5.23 -2.24 -20.45
CA LEU B 268 -4.76 -2.93 -19.25
C LEU B 268 -3.32 -2.49 -19.03
N THR B 269 -3.07 -1.71 -17.98
CA THR B 269 -1.77 -1.07 -17.80
C THR B 269 -1.46 -0.99 -16.31
N PRO B 270 -0.19 -0.85 -15.94
CA PRO B 270 0.13 -0.51 -14.56
C PRO B 270 0.03 1.00 -14.34
N VAL B 271 -0.22 1.39 -13.10
CA VAL B 271 -0.18 2.79 -12.70
C VAL B 271 0.96 2.88 -11.68
N MET B 272 2.12 3.34 -12.13
CA MET B 272 3.31 3.34 -11.28
C MET B 272 3.49 4.69 -10.61
N SER B 273 3.84 4.66 -9.32
CA SER B 273 4.38 5.83 -8.65
C SER B 273 5.79 6.11 -9.15
N GLN B 274 6.33 7.26 -8.78
CA GLN B 274 7.70 7.56 -9.16
C GLN B 274 8.67 6.59 -8.48
N GLU B 275 8.38 6.14 -7.27
CA GLU B 275 9.23 5.15 -6.61
C GLU B 275 9.18 3.81 -7.34
N GLU B 276 8.00 3.41 -7.83
CA GLU B 276 7.91 2.17 -8.61
C GLU B 276 8.66 2.29 -9.92
N VAL B 277 8.59 3.46 -10.56
CA VAL B 277 9.35 3.68 -11.78
C VAL B 277 10.84 3.50 -11.51
N GLU B 278 11.35 4.10 -10.43
CA GLU B 278 12.75 3.89 -10.05
C GLU B 278 13.06 2.41 -9.91
N HIS B 279 12.20 1.66 -9.22
CA HIS B 279 12.48 0.26 -9.01
C HIS B 279 12.48 -0.55 -10.31
N TRP B 280 11.47 -0.34 -11.16
CA TRP B 280 11.37 -1.18 -12.35
C TRP B 280 12.31 -0.78 -13.47
N PHE B 281 12.80 0.45 -13.49
CA PHE B 281 13.55 0.91 -14.65
C PHE B 281 15.01 1.28 -14.39
N TYR B 282 15.37 1.67 -13.16
CA TYR B 282 16.75 2.11 -12.93
C TYR B 282 17.70 0.98 -13.23
N PRO B 283 18.72 1.18 -14.08
CA PRO B 283 19.50 0.04 -14.57
C PRO B 283 20.22 -0.72 -13.45
N GLN B 284 20.14 -2.05 -13.55
CA GLN B 284 20.90 -2.98 -12.72
C GLN B 284 21.53 -3.99 -13.66
N GLU B 285 22.85 -4.14 -13.60
CA GLU B 285 23.53 -5.00 -14.55
C GLU B 285 23.02 -6.44 -14.41
N ASN B 286 22.76 -7.08 -15.55
CA ASN B 286 22.28 -8.45 -15.64
C ASN B 286 20.86 -8.63 -15.13
N ILE B 287 20.10 -7.55 -14.96
CA ILE B 287 18.71 -7.64 -14.52
C ILE B 287 17.83 -6.78 -15.43
N ILE B 288 18.07 -5.47 -15.44
CA ILE B 288 17.22 -4.53 -16.15
C ILE B 288 18.09 -3.47 -16.78
N ASP B 289 17.87 -3.20 -18.07
CA ASP B 289 18.54 -2.15 -18.81
C ASP B 289 17.50 -1.15 -19.29
N THR B 290 17.79 0.14 -19.11
CA THR B 290 16.94 1.21 -19.62
C THR B 290 17.83 2.26 -20.26
N PHE B 291 17.51 2.65 -21.49
CA PHE B 291 18.22 3.72 -22.19
C PHE B 291 17.22 4.81 -22.56
N VAL B 292 17.64 6.06 -22.40
CA VAL B 292 16.78 7.20 -22.69
C VAL B 292 17.39 7.94 -23.88
N VAL B 293 16.54 8.64 -24.61
CA VAL B 293 16.98 9.55 -25.68
C VAL B 293 16.92 10.97 -25.12
N GLU B 294 18.07 11.62 -25.00
CA GLU B 294 18.17 13.01 -24.56
C GLU B 294 18.57 13.83 -25.78
N ASN B 295 17.68 14.72 -26.23
CA ASN B 295 17.87 15.39 -27.50
C ASN B 295 18.82 16.60 -27.37
N ALA B 296 18.93 17.37 -28.45
CA ALA B 296 19.87 18.49 -28.52
C ALA B 296 19.49 19.65 -27.61
N ASN B 297 18.26 19.69 -27.13
CA ASN B 297 17.78 20.66 -26.16
C ASN B 297 17.92 20.16 -24.72
N GLY B 298 18.48 18.97 -24.53
CA GLY B 298 18.58 18.38 -23.21
C GLY B 298 17.31 17.71 -22.71
N GLU B 299 16.28 17.58 -23.55
CA GLU B 299 15.01 17.00 -23.12
C GLU B 299 15.03 15.49 -23.38
N VAL B 300 14.58 14.71 -22.40
CA VAL B 300 14.37 13.27 -22.60
C VAL B 300 13.03 13.06 -23.27
N THR B 301 13.05 12.48 -24.47
CA THR B 301 11.84 12.32 -25.26
C THR B 301 11.41 10.88 -25.45
N ASP B 302 12.29 9.91 -25.21
CA ASP B 302 11.96 8.50 -25.47
C ASP B 302 12.75 7.63 -24.50
N PHE B 303 12.30 6.39 -24.33
CA PHE B 303 13.16 5.41 -23.67
C PHE B 303 12.80 4.00 -24.12
N LEU B 304 13.79 3.12 -23.99
CA LEU B 304 13.63 1.70 -24.26
C LEU B 304 14.14 0.93 -23.05
N SER B 305 13.60 -0.27 -22.84
CA SER B 305 14.03 -1.07 -21.71
C SER B 305 13.83 -2.55 -22.01
N PHE B 306 14.70 -3.37 -21.44
CA PHE B 306 14.59 -4.82 -21.55
C PHE B 306 15.24 -5.46 -20.32
N TYR B 307 14.68 -6.59 -19.87
CA TYR B 307 15.23 -7.29 -18.73
C TYR B 307 15.92 -8.58 -19.18
N THR B 308 16.76 -9.09 -18.29
CA THR B 308 17.66 -10.21 -18.55
C THR B 308 17.08 -11.47 -17.92
N LEU B 309 16.82 -12.49 -18.74
CA LEU B 309 16.26 -13.74 -18.22
C LEU B 309 16.80 -14.90 -19.05
N PRO B 310 17.92 -15.48 -18.63
CA PRO B 310 18.48 -16.62 -19.37
C PRO B 310 17.68 -17.89 -19.13
N SER B 311 17.90 -18.87 -20.01
CA SER B 311 17.24 -20.18 -19.90
C SER B 311 18.29 -21.28 -19.85
N THR B 312 18.07 -22.25 -18.96
CA THR B 312 18.91 -23.43 -18.91
C THR B 312 18.67 -24.28 -20.14
N ILE B 313 19.76 -24.70 -20.79
CA ILE B 313 19.69 -25.67 -21.88
C ILE B 313 19.51 -27.03 -21.21
N MET B 314 18.29 -27.53 -21.20
CA MET B 314 17.97 -28.72 -20.41
C MET B 314 18.76 -29.93 -20.88
N ASN B 315 18.87 -30.12 -22.19
CA ASN B 315 19.55 -31.30 -22.72
C ASN B 315 21.06 -31.16 -22.67
N HIS B 316 21.58 -30.01 -22.23
CA HIS B 316 23.01 -29.82 -22.01
C HIS B 316 23.19 -28.90 -20.80
N PRO B 317 22.85 -29.37 -19.60
CA PRO B 317 22.71 -28.46 -18.45
C PRO B 317 24.02 -27.86 -17.93
N THR B 318 25.18 -28.25 -18.45
CA THR B 318 26.44 -27.68 -17.97
C THR B 318 26.93 -26.52 -18.84
N HIS B 319 26.71 -26.59 -20.15
CA HIS B 319 26.98 -25.50 -21.09
C HIS B 319 26.31 -24.19 -20.73
N LYS B 320 25.10 -24.37 -20.23
CA LYS B 320 23.94 -23.67 -20.74
C LYS B 320 23.95 -22.16 -20.95
N SER B 321 23.30 -21.49 -20.01
CA SER B 321 22.25 -20.53 -20.32
C SER B 321 22.32 -19.88 -21.70
N LEU B 322 21.21 -20.05 -22.40
CA LEU B 322 20.86 -19.18 -23.50
C LEU B 322 20.58 -17.80 -22.92
N LYS B 323 21.34 -16.79 -23.34
CA LYS B 323 21.19 -15.46 -22.76
C LYS B 323 20.12 -14.70 -23.53
N ALA B 324 18.98 -14.43 -22.89
CA ALA B 324 17.84 -13.83 -23.56
C ALA B 324 17.49 -12.49 -22.94
N ALA B 325 17.17 -11.52 -23.79
CA ALA B 325 16.65 -10.23 -23.35
C ALA B 325 15.16 -10.18 -23.66
N TYR B 326 14.38 -9.60 -22.73
CA TYR B 326 12.94 -9.49 -22.90
C TYR B 326 12.55 -8.02 -22.97
N SER B 327 11.88 -7.65 -24.07
CA SER B 327 11.34 -6.30 -24.20
C SER B 327 10.44 -5.99 -23.02
N PHE B 328 10.60 -4.80 -22.43
CA PHE B 328 9.86 -4.42 -21.22
C PHE B 328 8.90 -3.32 -21.63
N TYR B 329 9.19 -2.05 -21.33
CA TYR B 329 8.36 -0.95 -21.79
C TYR B 329 9.20 -0.03 -22.69
N ASN B 330 8.64 0.33 -23.83
CA ASN B 330 9.32 1.17 -24.80
C ASN B 330 8.40 2.33 -25.14
N VAL B 331 8.84 3.55 -24.86
CA VAL B 331 8.01 4.74 -24.97
C VAL B 331 8.65 5.66 -26.00
N HIS B 332 7.87 6.10 -26.98
CA HIS B 332 8.36 6.96 -28.05
C HIS B 332 7.46 8.19 -28.15
N THR B 333 8.08 9.37 -28.18
CA THR B 333 7.36 10.60 -28.50
C THR B 333 8.02 11.38 -29.63
N GLN B 334 9.32 11.18 -29.90
CA GLN B 334 10.02 11.93 -30.94
C GLN B 334 10.80 11.00 -31.85
N THR B 335 11.33 9.91 -31.32
CA THR B 335 12.01 8.86 -32.07
C THR B 335 11.00 7.82 -32.55
N PRO B 336 10.98 7.47 -33.84
CA PRO B 336 10.08 6.39 -34.30
C PRO B 336 10.33 5.11 -33.52
N LEU B 337 9.24 4.45 -33.11
CA LEU B 337 9.35 3.18 -32.41
C LEU B 337 10.25 2.20 -33.17
N LEU B 338 10.12 2.17 -34.49
CA LEU B 338 10.94 1.27 -35.29
C LEU B 338 12.43 1.52 -35.05
N ASP B 339 12.83 2.79 -34.97
CA ASP B 339 14.23 3.12 -34.71
C ASP B 339 14.64 2.79 -33.27
N LEU B 340 13.75 3.08 -32.31
CA LEU B 340 14.03 2.76 -30.92
C LEU B 340 14.32 1.27 -30.75
N MET B 341 13.50 0.43 -31.39
CA MET B 341 13.69 -1.02 -31.21
C MET B 341 14.90 -1.51 -31.96
N SER B 342 15.23 -0.90 -33.10
CA SER B 342 16.48 -1.25 -33.77
C SER B 342 17.66 -1.00 -32.84
N ASP B 343 17.63 0.11 -32.12
CA ASP B 343 18.72 0.38 -31.18
C ASP B 343 18.70 -0.58 -30.00
N ALA B 344 17.51 -1.01 -29.56
CA ALA B 344 17.43 -2.04 -28.53
C ALA B 344 18.12 -3.32 -28.97
N LEU B 345 17.91 -3.74 -30.21
CA LEU B 345 18.56 -4.96 -30.69
C LEU B 345 20.07 -4.80 -30.72
N VAL B 346 20.56 -3.66 -31.20
CA VAL B 346 22.00 -3.40 -31.23
C VAL B 346 22.58 -3.43 -29.83
N LEU B 347 21.93 -2.74 -28.88
CA LEU B 347 22.45 -2.73 -27.51
C LEU B 347 22.44 -4.11 -26.90
N ALA B 348 21.37 -4.89 -27.13
CA ALA B 348 21.34 -6.26 -26.61
C ALA B 348 22.47 -7.08 -27.20
N LYS B 349 22.68 -6.97 -28.52
CA LYS B 349 23.79 -7.67 -29.15
C LYS B 349 25.11 -7.27 -28.51
N MET B 350 25.32 -5.96 -28.33
CA MET B 350 26.54 -5.48 -27.68
C MET B 350 26.74 -6.12 -26.32
N LYS B 351 25.67 -6.29 -25.55
CA LYS B 351 25.77 -6.80 -24.19
C LYS B 351 25.93 -8.31 -24.14
N GLY B 352 25.90 -9.01 -25.27
CA GLY B 352 26.14 -10.43 -25.29
C GLY B 352 24.90 -11.30 -25.29
N PHE B 353 23.72 -10.76 -25.53
CA PHE B 353 22.53 -11.59 -25.59
C PHE B 353 22.52 -12.40 -26.88
N ASP B 354 21.95 -13.60 -26.79
CA ASP B 354 21.80 -14.47 -27.95
C ASP B 354 20.50 -14.23 -28.70
N VAL B 355 19.47 -13.74 -28.02
CA VAL B 355 18.15 -13.59 -28.62
C VAL B 355 17.43 -12.48 -27.88
N PHE B 356 16.59 -11.74 -28.60
CA PHE B 356 15.79 -10.64 -28.06
C PHE B 356 14.32 -11.03 -28.23
N ASN B 357 13.60 -11.14 -27.12
CA ASN B 357 12.22 -11.58 -27.11
C ASN B 357 11.27 -10.41 -26.92
N ALA B 358 10.13 -10.46 -27.61
CA ALA B 358 9.08 -9.48 -27.42
C ALA B 358 7.73 -10.14 -27.65
N LEU B 359 6.72 -9.64 -26.94
CA LEU B 359 5.34 -10.04 -27.16
C LEU B 359 4.71 -9.18 -28.24
N ASP B 360 3.52 -9.57 -28.70
CA ASP B 360 2.82 -8.79 -29.70
C ASP B 360 1.84 -7.77 -29.09
N LEU B 361 2.04 -7.39 -27.84
CA LEU B 361 1.16 -6.43 -27.19
C LEU B 361 1.62 -5.01 -27.49
N MET B 362 0.95 -4.05 -26.87
CA MET B 362 1.10 -2.61 -27.14
C MET B 362 1.23 -2.37 -28.64
N GLU B 363 2.23 -1.62 -29.10
CA GLU B 363 2.36 -1.38 -30.53
C GLU B 363 3.38 -2.29 -31.18
N ASN B 364 3.68 -3.44 -30.56
CA ASN B 364 4.84 -4.21 -30.99
C ASN B 364 4.65 -4.81 -32.38
N LYS B 365 3.41 -5.10 -32.77
CA LYS B 365 3.19 -5.62 -34.11
C LYS B 365 3.68 -4.66 -35.18
N THR B 366 3.81 -3.38 -34.86
CA THR B 366 4.26 -2.41 -35.86
C THR B 366 5.73 -2.57 -36.22
N PHE B 367 6.53 -3.31 -35.43
CA PHE B 367 7.94 -3.50 -35.76
C PHE B 367 8.40 -4.96 -35.83
N LEU B 368 7.62 -5.92 -35.33
CA LEU B 368 8.13 -7.29 -35.17
C LEU B 368 8.61 -7.85 -36.51
N GLU B 369 7.75 -7.84 -37.52
CA GLU B 369 8.15 -8.41 -38.82
C GLU B 369 9.24 -7.58 -39.47
N LYS B 370 9.11 -6.25 -39.43
CA LYS B 370 10.10 -5.38 -40.07
C LYS B 370 11.50 -5.59 -39.50
N LEU B 371 11.61 -5.90 -38.22
CA LEU B 371 12.91 -6.07 -37.58
C LEU B 371 13.32 -7.53 -37.51
N LYS B 372 12.67 -8.39 -38.28
CA LYS B 372 13.06 -9.78 -38.52
C LYS B 372 12.88 -10.66 -37.28
N PHE B 373 11.96 -10.29 -36.40
CA PHE B 373 11.48 -11.23 -35.42
C PHE B 373 10.77 -12.39 -36.12
N GLY B 374 10.88 -13.57 -35.53
CA GLY B 374 10.11 -14.73 -35.96
C GLY B 374 9.13 -15.11 -34.86
N ILE B 375 7.94 -15.56 -35.26
CA ILE B 375 6.92 -15.88 -34.27
C ILE B 375 7.33 -17.14 -33.50
N GLY B 376 7.00 -17.16 -32.21
CA GLY B 376 7.34 -18.28 -31.35
C GLY B 376 6.20 -19.26 -31.20
N ASP B 377 6.47 -20.31 -30.43
CA ASP B 377 5.48 -21.33 -30.17
C ASP B 377 4.80 -21.17 -28.81
N GLY B 378 5.24 -20.23 -27.99
CA GLY B 378 4.65 -19.99 -26.69
C GLY B 378 3.71 -18.80 -26.69
N ASN B 379 2.47 -19.03 -26.26
CA ASN B 379 1.51 -17.98 -25.97
C ASN B 379 1.73 -17.43 -24.56
N LEU B 380 1.12 -16.26 -24.30
CA LEU B 380 1.04 -15.71 -22.96
C LEU B 380 -0.38 -15.17 -22.78
N GLN B 381 -1.19 -15.86 -21.97
CA GLN B 381 -2.53 -15.43 -21.65
C GLN B 381 -2.49 -14.53 -20.42
N TYR B 382 -3.29 -13.47 -20.46
CA TYR B 382 -3.44 -12.53 -19.35
C TYR B 382 -4.79 -12.78 -18.67
N TYR B 383 -4.81 -12.69 -17.35
CA TYR B 383 -6.02 -12.99 -16.58
C TYR B 383 -6.20 -11.97 -15.47
N LEU B 384 -7.46 -11.74 -15.12
CA LEU B 384 -7.84 -10.99 -13.93
C LEU B 384 -8.65 -11.89 -13.00
N TYR B 385 -8.42 -11.75 -11.70
CA TYR B 385 -9.15 -12.50 -10.69
C TYR B 385 -10.17 -11.57 -10.05
N ASN B 386 -11.44 -12.01 -10.02
CA ASN B 386 -12.55 -11.25 -9.43
C ASN B 386 -12.76 -9.91 -10.12
N TRP B 387 -12.57 -9.88 -11.44
CA TRP B 387 -12.90 -8.70 -12.22
C TRP B 387 -13.37 -9.16 -13.58
N LYS B 388 -14.67 -9.05 -13.81
CA LYS B 388 -15.29 -9.50 -15.05
C LYS B 388 -15.39 -8.31 -16.01
N CYS B 389 -14.75 -8.42 -17.17
CA CYS B 389 -14.74 -7.33 -18.13
C CYS B 389 -14.56 -7.93 -19.52
N PRO B 390 -14.82 -7.14 -20.57
CA PRO B 390 -14.61 -7.65 -21.93
C PRO B 390 -13.14 -7.99 -22.16
N SER B 391 -12.90 -8.98 -23.02
CA SER B 391 -11.55 -9.24 -23.42
C SER B 391 -11.11 -8.20 -24.44
N MET B 392 -9.80 -8.16 -24.70
CA MET B 392 -9.21 -7.16 -25.57
C MET B 392 -8.17 -7.83 -26.46
N GLY B 393 -7.89 -7.19 -27.60
CA GLY B 393 -6.81 -7.66 -28.43
C GLY B 393 -5.46 -7.39 -27.83
N ALA B 394 -4.46 -8.13 -28.31
CA ALA B 394 -3.10 -7.99 -27.77
C ALA B 394 -2.62 -6.55 -27.82
N GLU B 395 -2.97 -5.82 -28.88
CA GLU B 395 -2.46 -4.47 -29.05
C GLU B 395 -3.02 -3.50 -28.01
N LYS B 396 -4.02 -3.91 -27.23
CA LYS B 396 -4.56 -3.10 -26.15
C LYS B 396 -4.02 -3.50 -24.79
N VAL B 397 -3.29 -4.59 -24.69
CA VAL B 397 -2.62 -4.96 -23.45
C VAL B 397 -1.37 -4.10 -23.31
N GLY B 398 -1.24 -3.42 -22.15
CA GLY B 398 -0.13 -2.53 -21.89
C GLY B 398 0.56 -2.85 -20.58
N LEU B 399 0.71 -4.14 -20.29
CA LEU B 399 1.23 -4.63 -19.02
C LEU B 399 2.20 -5.76 -19.29
N VAL B 400 3.41 -5.67 -18.75
CA VAL B 400 4.44 -6.68 -18.92
C VAL B 400 4.90 -7.15 -17.55
N LEU B 401 4.72 -8.44 -17.26
CA LEU B 401 5.15 -9.06 -16.01
C LEU B 401 6.40 -9.91 -16.23
N GLN B 402 7.24 -9.99 -15.18
CA GLN B 402 8.51 -10.74 -15.25
C GLN B 402 8.35 -12.25 -15.30
N GLY C 1 -2.49 16.90 13.89
CA GLY C 1 -2.33 16.50 15.30
C GLY C 1 -3.67 16.59 16.02
N CYS C 2 -3.73 15.97 17.18
CA CYS C 2 -4.93 16.01 17.99
C CYS C 2 -4.97 17.35 18.75
N SER C 3 -5.94 17.55 19.64
CA SER C 3 -5.98 18.80 20.39
C SER C 3 -6.31 18.53 21.85
N VAL C 4 -5.81 19.38 22.73
CA VAL C 4 -5.92 19.18 24.17
C VAL C 4 -7.07 20.04 24.68
N SER C 5 -8.09 19.40 25.21
CA SER C 5 -9.28 20.06 25.71
C SER C 5 -9.39 19.80 27.21
N LYS C 6 -9.93 20.78 27.91
CA LYS C 6 -10.31 20.59 29.30
C LYS C 6 -11.77 21.04 29.48
N LYS C 7 -12.30 20.81 30.67
CA LYS C 7 -13.71 21.09 30.91
C LYS C 7 -13.98 22.59 30.86
N LYS C 8 -14.96 22.98 30.06
CA LYS C 8 -15.45 24.35 30.03
C LYS C 8 -16.01 24.69 31.41
N GLY D 1 2.62 -16.93 -13.85
CA GLY D 1 4.01 -17.07 -14.27
C GLY D 1 4.15 -16.72 -15.75
N CYS D 2 5.39 -16.46 -16.16
CA CYS D 2 5.68 -16.19 -17.56
C CYS D 2 5.67 -17.52 -18.34
N SER D 3 6.03 -17.48 -19.62
CA SER D 3 6.04 -18.69 -20.44
C SER D 3 7.32 -18.73 -21.27
N VAL D 4 7.88 -19.93 -21.45
CA VAL D 4 9.10 -20.09 -22.22
C VAL D 4 8.72 -20.38 -23.67
N SER D 5 9.15 -19.50 -24.58
CA SER D 5 8.88 -19.67 -25.99
C SER D 5 10.19 -19.78 -26.76
N LYS D 6 10.15 -20.51 -27.87
CA LYS D 6 11.28 -20.59 -28.78
C LYS D 6 10.75 -20.42 -30.20
N LYS D 7 11.67 -20.35 -31.17
CA LYS D 7 11.28 -20.06 -32.54
C LYS D 7 10.51 -21.23 -33.14
N LYS D 8 9.38 -20.94 -33.78
CA LYS D 8 8.65 -21.95 -34.54
C LYS D 8 9.44 -22.31 -35.79
N1A COA E . -1.21 22.46 11.33
C2A COA E . -0.96 22.86 10.04
N3A COA E . -0.43 24.10 9.79
C4A COA E . -0.14 24.93 10.82
C5A COA E . -0.39 24.55 12.10
C6A COA E . -0.92 23.30 12.34
N6A COA E . -1.29 22.59 13.61
N7A COA E . -0.02 25.55 12.93
C8A COA E . 0.45 26.56 12.16
N9A COA E . 0.39 26.17 10.87
C1B COA E . 0.76 26.97 9.78
C2B COA E . 0.34 28.20 10.04
O2B COA E . -1.10 28.31 9.80
C3B COA E . 1.14 29.01 9.00
O3B COA E . 0.53 28.85 7.82
P3B COA E . -0.32 30.18 7.31
O7A COA E . -1.12 29.82 6.08
O8A COA E . 0.66 31.28 7.00
O9A COA E . -1.27 30.62 8.40
C4B COA E . 2.56 28.31 8.99
O4B COA E . 2.40 27.16 9.60
C5B COA E . 3.49 29.24 9.77
O5B COA E . 4.68 28.58 10.12
P1A COA E . 5.29 28.95 11.60
O1A COA E . 6.45 29.93 11.46
O2A COA E . 4.18 29.53 12.43
O3A COA E . 5.82 27.53 12.35
P2A COA E . 5.62 27.22 14.03
O4A COA E . 4.60 28.13 14.71
O5A COA E . 6.96 27.38 14.71
O6A COA E . 5.14 25.61 14.12
CBP COA E . 3.53 24.17 15.14
CCP COA E . 3.74 25.35 14.16
CDP COA E . 2.01 23.97 15.35
CEP COA E . 4.13 22.95 14.50
CAP COA E . 4.26 24.50 16.43
OAP COA E . 3.68 25.63 17.01
C9P COA E . 4.16 23.34 17.41
O9P COA E . 4.95 22.44 17.43
N8P COA E . 3.03 23.39 18.36
C7P COA E . 2.82 22.31 19.38
C6P COA E . 2.45 21.02 18.60
C5P COA E . 1.31 21.22 17.61
O5P COA E . 0.44 22.05 17.84
N4P COA E . 1.28 20.37 16.40
C3P COA E . 0.28 20.42 15.33
C2P COA E . -1.19 20.08 15.84
S1P COA E . -2.33 20.34 14.44
C1 GOL F . -11.40 19.83 2.63
O1 GOL F . -11.25 19.86 4.04
C2 GOL F . -12.66 20.55 2.12
O2 GOL F . -13.21 19.94 0.97
C3 GOL F . -13.65 21.03 3.17
O3 GOL F . -15.00 20.79 2.78
N1A COA G . -1.87 -21.37 -13.28
C2A COA G . -3.07 -21.51 -12.62
N3A COA G . -3.64 -22.74 -12.47
C4A COA G . -3.01 -23.83 -12.98
C5A COA G . -1.83 -23.70 -13.63
C6A COA G . -1.26 -22.45 -13.78
N6A COA G . 0.01 -21.96 -14.43
N7A COA G . -1.44 -24.94 -14.04
C8A COA G . -2.37 -25.83 -13.62
N9A COA G . -3.34 -25.14 -12.97
C1B COA G . -4.52 -25.67 -12.41
C2B COA G . -4.97 -26.68 -13.16
O2B COA G . -5.74 -26.19 -14.30
C3B COA G . -5.94 -27.36 -12.15
O3B COA G . -7.04 -26.62 -12.01
P3B COA G . -8.41 -27.16 -12.81
O7A COA G . -9.51 -26.12 -12.86
O8A COA G . -8.89 -28.41 -12.09
O9A COA G . -8.05 -27.48 -14.23
C4B COA G . -5.03 -27.40 -10.85
O4B COA G . -4.28 -26.32 -10.91
C5B COA G . -4.10 -28.62 -10.93
O5B COA G . -3.43 -28.72 -9.68
P1A COA G . -2.12 -29.72 -9.54
O1A COA G . -1.25 -29.33 -8.34
O2A COA G . -2.57 -31.15 -9.41
O3A COA G . -1.17 -29.52 -10.93
P2A COA G . 0.54 -29.48 -10.83
O4A COA G . 1.12 -29.85 -12.19
O5A COA G . 1.03 -30.44 -9.75
O6A COA G . 1.03 -27.93 -10.39
CBP COA G . 2.10 -26.07 -11.44
CCP COA G . 0.77 -26.86 -11.30
CDP COA G . 1.97 -25.03 -12.58
CEP COA G . 2.36 -25.37 -10.15
CAP COA G . 3.21 -27.08 -11.70
OAP COA G . 2.91 -27.87 -12.81
C9P COA G . 4.56 -26.40 -11.95
O9P COA G . 5.26 -26.08 -11.05
N8P COA G . 4.94 -26.22 -13.37
C7P COA G . 6.23 -25.56 -13.78
C6P COA G . 6.19 -24.06 -13.39
C5P COA G . 4.94 -23.34 -13.93
O5P COA G . 4.56 -23.55 -15.07
N4P COA G . 4.26 -22.37 -13.05
C3P COA G . 3.06 -21.63 -13.48
C2P COA G . 3.44 -20.56 -14.59
S1P COA G . 1.88 -19.71 -15.06
C1 GOL H . -10.87 -12.07 -16.46
O1 GOL H . -9.63 -12.48 -17.03
C2 GOL H . -11.58 -11.17 -17.46
O2 GOL H . -12.79 -10.70 -16.91
C3 GOL H . -11.83 -11.88 -18.79
O3 GOL H . -12.08 -10.92 -19.81
C1 GOL I . 4.38 -4.14 -12.54
O1 GOL I . 3.10 -3.62 -12.76
C2 GOL I . 5.38 -3.88 -13.68
O2 GOL I . 4.81 -3.97 -14.98
C3 GOL I . 6.49 -4.93 -13.53
O3 GOL I . 5.91 -6.11 -13.00
C1 MYR J . -1.41 17.08 13.14
O1 MYR J . -0.27 16.93 13.58
C2 MYR J . -1.72 17.39 11.66
C3 MYR J . -0.81 18.43 11.04
C4 MYR J . -1.22 18.49 9.55
C5 MYR J . -0.30 19.40 8.77
C6 MYR J . -0.84 19.60 7.33
C7 MYR J . -0.71 18.30 6.50
C8 MYR J . -1.16 18.58 5.05
C9 MYR J . -1.13 17.28 4.21
C10 MYR J . 0.31 16.87 3.84
C11 MYR J . 0.36 15.53 3.05
C12 MYR J . -0.27 15.67 1.64
C13 MYR J . -0.02 14.34 0.89
C14 MYR J . -0.77 14.33 -0.47
C1 MYR K . 2.17 -17.41 -12.67
O1 MYR K . 2.89 -17.97 -11.85
C2 MYR K . 0.69 -17.14 -12.42
C3 MYR K . 0.03 -18.17 -11.52
C4 MYR K . -1.33 -17.55 -11.10
C5 MYR K . -2.17 -18.52 -10.28
C6 MYR K . -3.61 -18.01 -10.13
C7 MYR K . -3.62 -16.79 -9.17
C8 MYR K . -5.07 -16.32 -8.95
C9 MYR K . -5.13 -15.06 -8.07
C10 MYR K . -4.81 -15.37 -6.60
C11 MYR K . -4.77 -14.06 -5.76
C12 MYR K . -6.15 -13.40 -5.68
C13 MYR K . -6.11 -12.17 -4.72
C14 MYR K . -7.41 -11.35 -4.77
#